data_1ARZ
#
_entry.id   1ARZ
#
_cell.length_a   137.600
_cell.length_b   123.800
_cell.length_c   66.600
_cell.angle_alpha   90.00
_cell.angle_beta   90.00
_cell.angle_gamma   90.00
#
_symmetry.space_group_name_H-M   'P 21 21 21'
#
loop_
_entity.id
_entity.type
_entity.pdbx_description
1 polymer 'DIHYDRODIPICOLINATE REDUCTASE'
2 non-polymer 'PHOSPHATE ION'
3 non-polymer 'POTASSIUM ION'
4 non-polymer '1,4-DIHYDRONICOTINAMIDE ADENINE DINUCLEOTIDE'
5 non-polymer 'PYRIDINE-2,6-DICARBOXYLIC ACID'
6 water water
#
_entity_poly.entity_id   1
_entity_poly.type   'polypeptide(L)'
_entity_poly.pdbx_seq_one_letter_code
;MHDANIRVAIAGAGGRMGRQLIQAALALEGVQLGAALEREGSSLLGSDAGELAGAGKTGVTVQSSLDAVKDDFDVFIDFT
RPEGTLNHLAFCRQHGKGMVIGTTGFDEAGKQAIRDAAADIAIVFAANFSVGVNVMLKLLEKAAKVMGDYTDIEIIEAHH
RHKVDAPSGTALAMGEAIAHALDKDLKDCAVYSREGHTGERVPGTIGFATVRAGDIVGEHTAMFADIGERLEITHKASSR
MTFANGAVRSALWLSGKESGLFDMRDVLDLNNL
;
_entity_poly.pdbx_strand_id   A,B,C,D
#
# COMPACT_ATOMS: atom_id res chain seq x y z
N ALA A 4 -17.50 34.41 8.27
CA ALA A 4 -16.51 34.18 9.38
C ALA A 4 -16.78 35.10 10.58
N ASN A 5 -16.82 34.53 11.79
CA ASN A 5 -17.12 35.33 12.96
C ASN A 5 -15.90 35.54 13.89
N ILE A 6 -14.69 35.16 13.42
CA ILE A 6 -13.44 35.27 14.20
C ILE A 6 -12.17 35.60 13.37
N ARG A 7 -11.26 36.34 13.98
CA ARG A 7 -10.08 36.77 13.29
C ARG A 7 -8.83 36.10 13.78
N VAL A 8 -8.00 35.70 12.84
CA VAL A 8 -6.73 35.04 13.17
C VAL A 8 -5.61 36.07 13.07
N ALA A 9 -4.36 35.62 13.15
CA ALA A 9 -3.23 36.53 13.08
C ALA A 9 -1.99 35.74 12.72
N ILE A 10 -1.94 35.32 11.48
CA ILE A 10 -0.82 34.57 11.03
C ILE A 10 0.51 35.35 11.17
N ALA A 11 1.29 35.10 12.21
CA ALA A 11 2.59 35.76 12.37
C ALA A 11 3.49 35.32 11.22
N GLY A 12 4.69 35.91 11.09
CA GLY A 12 5.60 35.57 10.01
C GLY A 12 4.98 35.25 8.64
N ALA A 13 3.81 35.86 8.38
CA ALA A 13 3.00 35.70 7.16
C ALA A 13 3.64 35.44 5.80
N GLY A 14 4.86 35.87 5.61
CA GLY A 14 5.51 35.74 4.33
C GLY A 14 6.20 34.44 4.03
N GLY A 15 6.53 33.67 5.06
CA GLY A 15 7.21 32.39 4.85
C GLY A 15 6.33 31.32 4.20
N ARG A 16 6.82 30.08 4.23
CA ARG A 16 6.08 28.94 3.67
C ARG A 16 4.97 28.61 4.64
N MET A 17 5.30 28.49 5.92
CA MET A 17 4.28 28.19 6.91
C MET A 17 3.18 29.26 6.81
N GLY A 18 3.55 30.51 7.06
CA GLY A 18 2.59 31.59 6.97
C GLY A 18 1.73 31.49 5.74
N ARG A 19 2.33 31.54 4.55
CA ARG A 19 1.58 31.46 3.32
C ARG A 19 0.46 30.44 3.45
N GLN A 20 0.86 29.19 3.76
CA GLN A 20 -0.05 28.04 3.93
C GLN A 20 -1.14 28.45 4.90
N LEU A 21 -0.66 28.88 6.06
CA LEU A 21 -1.51 29.33 7.11
C LEU A 21 -2.53 30.32 6.59
N ILE A 22 -2.11 31.14 5.65
CA ILE A 22 -3.03 32.10 5.10
C ILE A 22 -4.10 31.36 4.33
N GLN A 23 -3.68 30.42 3.51
CA GLN A 23 -4.63 29.66 2.71
C GLN A 23 -5.72 29.08 3.59
N ALA A 24 -5.25 28.38 4.63
CA ALA A 24 -6.10 27.74 5.62
C ALA A 24 -7.10 28.76 6.15
N ALA A 25 -6.58 29.93 6.53
CA ALA A 25 -7.36 31.05 7.01
C ALA A 25 -8.55 31.27 6.09
N LEU A 26 -8.27 31.33 4.81
CA LEU A 26 -9.33 31.53 3.85
C LEU A 26 -10.32 30.38 3.89
N ALA A 27 -9.86 29.25 3.37
CA ALA A 27 -10.66 28.05 3.26
C ALA A 27 -11.54 27.70 4.43
N LEU A 28 -10.90 27.37 5.55
CA LEU A 28 -11.60 26.96 6.74
C LEU A 28 -12.75 27.88 7.03
N GLU A 29 -13.94 27.34 6.83
CA GLU A 29 -15.19 28.01 7.05
C GLU A 29 -15.24 28.45 8.51
N GLY A 30 -15.64 29.69 8.78
CA GLY A 30 -15.71 30.10 10.16
C GLY A 30 -14.56 30.93 10.74
N VAL A 31 -13.47 31.10 10.02
CA VAL A 31 -12.40 31.93 10.52
C VAL A 31 -12.19 33.05 9.50
N GLN A 32 -11.67 34.16 9.99
CA GLN A 32 -11.41 35.33 9.15
C GLN A 32 -9.95 35.70 9.41
N LEU A 33 -9.30 36.20 8.36
CA LEU A 33 -7.90 36.63 8.43
C LEU A 33 -7.82 38.08 8.96
N GLY A 34 -7.80 38.24 10.28
CA GLY A 34 -7.69 39.58 10.81
C GLY A 34 -6.32 40.21 10.58
N ALA A 35 -5.26 39.42 10.53
CA ALA A 35 -3.92 40.00 10.35
C ALA A 35 -2.86 39.10 9.77
N ALA A 36 -1.76 39.74 9.41
CA ALA A 36 -0.59 39.06 8.85
C ALA A 36 0.65 39.93 9.16
N LEU A 37 1.58 39.37 9.92
CA LEU A 37 2.78 40.06 10.29
C LEU A 37 3.97 39.59 9.49
N GLU A 38 5.05 40.33 9.60
CA GLU A 38 6.28 40.01 8.90
C GLU A 38 7.42 40.87 9.39
N ARG A 39 8.65 40.41 9.16
CA ARG A 39 9.87 41.12 9.59
C ARG A 39 9.89 42.55 9.02
N GLU A 40 10.12 43.54 9.88
CA GLU A 40 10.14 44.94 9.43
C GLU A 40 11.12 45.19 8.30
N GLY A 41 10.68 45.98 7.33
CA GLY A 41 11.55 46.29 6.21
C GLY A 41 11.66 45.19 5.17
N SER A 42 10.92 44.10 5.34
CA SER A 42 10.96 43.06 4.33
C SER A 42 10.18 43.67 3.18
N SER A 43 10.71 43.52 1.97
CA SER A 43 10.05 44.06 0.80
C SER A 43 8.54 43.73 0.73
N LEU A 44 8.21 42.48 1.06
CA LEU A 44 6.82 42.04 0.99
C LEU A 44 5.88 42.67 2.00
N LEU A 45 6.36 43.66 2.75
CA LEU A 45 5.50 44.33 3.70
C LEU A 45 4.54 45.12 2.81
N GLY A 46 3.26 45.16 3.16
CA GLY A 46 2.33 45.91 2.33
C GLY A 46 1.41 45.15 1.37
N SER A 47 1.90 44.06 0.75
CA SER A 47 1.05 43.28 -0.18
C SER A 47 -0.19 42.79 0.57
N ASP A 48 -1.30 42.72 -0.13
CA ASP A 48 -2.55 42.27 0.48
C ASP A 48 -2.53 40.77 0.74
N ALA A 49 -2.05 40.39 1.93
CA ALA A 49 -1.92 38.99 2.34
C ALA A 49 -2.39 37.91 1.33
N GLY A 50 -3.69 37.93 1.02
CA GLY A 50 -4.26 36.96 0.10
C GLY A 50 -3.40 36.82 -1.11
N GLU A 51 -3.05 37.94 -1.71
CA GLU A 51 -2.22 37.93 -2.89
C GLU A 51 -0.98 37.04 -2.66
N LEU A 52 -0.35 37.20 -1.50
CA LEU A 52 0.86 36.45 -1.18
C LEU A 52 0.72 34.95 -1.33
N ALA A 53 -0.49 34.47 -1.05
CA ALA A 53 -0.81 33.06 -1.16
C ALA A 53 -1.94 32.82 -2.13
N GLY A 54 -1.60 32.75 -3.43
CA GLY A 54 -2.60 32.51 -4.46
C GLY A 54 -3.67 33.56 -4.70
N ALA A 55 -4.90 33.27 -4.26
CA ALA A 55 -6.08 34.16 -4.42
C ALA A 55 -6.06 35.34 -3.46
N GLY A 56 -6.11 36.55 -4.00
CA GLY A 56 -6.06 37.72 -3.16
C GLY A 56 -7.20 38.70 -3.30
N LYS A 57 -7.86 38.99 -2.20
CA LYS A 57 -8.94 39.95 -2.19
C LYS A 57 -8.87 40.58 -0.83
N THR A 58 -8.28 39.83 0.09
CA THR A 58 -8.08 40.21 1.47
C THR A 58 -8.11 41.71 1.70
N GLY A 59 -8.70 42.15 2.80
CA GLY A 59 -8.66 43.56 3.09
C GLY A 59 -7.52 43.64 4.10
N VAL A 60 -6.57 42.72 3.94
CA VAL A 60 -5.48 42.60 4.85
C VAL A 60 -4.09 42.88 4.31
N THR A 61 -3.48 43.87 4.91
CA THR A 61 -2.17 44.21 4.47
C THR A 61 -1.16 43.86 5.54
N VAL A 62 -0.21 43.07 5.06
CA VAL A 62 0.86 42.57 5.85
C VAL A 62 1.61 43.68 6.60
N GLN A 63 1.41 43.75 7.90
CA GLN A 63 2.17 44.73 8.62
C GLN A 63 3.32 44.11 9.34
N SER A 64 3.82 44.83 10.32
CA SER A 64 4.93 44.32 11.08
C SER A 64 4.90 44.98 12.41
N SER A 65 3.75 45.51 12.77
CA SER A 65 3.67 46.09 14.09
C SER A 65 2.67 45.34 14.91
N LEU A 66 3.16 44.74 15.99
CA LEU A 66 2.34 44.00 16.90
C LEU A 66 1.18 44.91 17.27
N ASP A 67 1.51 45.92 18.12
CA ASP A 67 0.59 46.94 18.69
C ASP A 67 -0.31 47.59 17.64
N ALA A 68 0.25 47.78 16.44
CA ALA A 68 -0.50 48.36 15.36
C ALA A 68 -1.81 47.58 15.18
N VAL A 69 -1.67 46.29 14.86
CA VAL A 69 -2.81 45.42 14.62
C VAL A 69 -3.62 44.96 15.80
N LYS A 70 -3.20 45.34 17.01
CA LYS A 70 -3.87 44.95 18.26
C LYS A 70 -5.36 44.70 18.06
N ASP A 71 -6.01 45.63 17.38
CA ASP A 71 -7.44 45.55 17.06
C ASP A 71 -7.81 44.45 16.05
N ASP A 72 -7.09 44.39 14.94
CA ASP A 72 -7.36 43.44 13.85
C ASP A 72 -7.73 41.93 14.04
N PHE A 73 -7.27 41.27 15.11
CA PHE A 73 -7.57 39.83 15.30
C PHE A 73 -8.30 39.41 16.58
N ASP A 74 -8.45 38.10 16.73
CA ASP A 74 -9.08 37.48 17.91
C ASP A 74 -8.12 36.45 18.49
N VAL A 75 -7.21 35.95 17.64
CA VAL A 75 -6.22 34.95 18.03
C VAL A 75 -5.00 34.84 17.11
N PHE A 76 -3.85 34.80 17.79
CA PHE A 76 -2.54 34.73 17.19
C PHE A 76 -2.02 33.32 16.97
N ILE A 77 -1.69 33.05 15.71
CA ILE A 77 -1.20 31.76 15.28
C ILE A 77 0.29 31.82 15.06
N ASP A 78 1.07 31.43 16.06
CA ASP A 78 2.52 31.53 15.95
C ASP A 78 3.33 30.24 15.66
N PHE A 79 3.99 30.20 14.50
CA PHE A 79 4.79 29.06 14.06
C PHE A 79 6.17 29.52 13.64
N THR A 80 6.69 30.54 14.29
CA THR A 80 8.03 31.03 13.92
C THR A 80 9.05 30.45 14.88
N ARG A 81 10.23 31.06 14.95
CA ARG A 81 11.24 30.59 15.88
C ARG A 81 10.82 31.02 17.31
N PRO A 82 11.35 30.34 18.34
CA PRO A 82 11.11 30.54 19.78
C PRO A 82 11.04 31.98 20.24
N GLU A 83 12.20 32.54 20.62
CA GLU A 83 12.31 33.92 21.14
C GLU A 83 11.18 34.78 20.62
N GLY A 84 11.05 34.84 19.29
CA GLY A 84 10.01 35.61 18.67
C GLY A 84 8.71 35.26 19.33
N THR A 85 8.43 33.96 19.29
CA THR A 85 7.23 33.38 19.86
C THR A 85 7.05 33.78 21.30
N LEU A 86 8.11 33.63 22.08
CA LEU A 86 8.04 34.00 23.47
C LEU A 86 7.45 35.39 23.58
N ASN A 87 8.06 36.32 22.85
CA ASN A 87 7.64 37.71 22.82
C ASN A 87 6.18 37.87 22.39
N HIS A 88 5.81 37.36 21.23
CA HIS A 88 4.41 37.52 20.82
C HIS A 88 3.50 37.07 21.92
N LEU A 89 3.99 36.14 22.73
CA LEU A 89 3.19 35.59 23.80
C LEU A 89 2.92 36.59 24.90
N ALA A 90 3.97 37.23 25.40
CA ALA A 90 3.78 38.22 26.47
C ALA A 90 2.80 39.27 25.97
N PHE A 91 2.90 39.59 24.69
CA PHE A 91 1.96 40.56 24.17
C PHE A 91 0.52 40.02 24.31
N CYS A 92 0.25 38.92 23.61
CA CYS A 92 -1.06 38.31 23.64
C CYS A 92 -1.55 38.14 25.05
N ARG A 93 -0.66 37.81 25.99
CA ARG A 93 -1.14 37.66 27.34
C ARG A 93 -1.55 39.02 27.89
N GLN A 94 -0.67 40.03 27.75
CA GLN A 94 -0.94 41.41 28.21
C GLN A 94 -2.24 41.96 27.65
N HIS A 95 -2.62 41.46 26.47
CA HIS A 95 -3.85 41.91 25.81
C HIS A 95 -4.99 40.90 25.71
N GLY A 96 -4.81 39.73 26.33
CA GLY A 96 -5.79 38.66 26.29
C GLY A 96 -6.18 38.25 24.88
N LYS A 97 -5.18 37.99 24.04
CA LYS A 97 -5.45 37.67 22.64
C LYS A 97 -5.62 36.24 22.12
N GLY A 98 -5.13 35.24 22.86
CA GLY A 98 -5.29 33.87 22.42
C GLY A 98 -4.33 33.39 21.33
N MET A 99 -3.72 32.24 21.55
CA MET A 99 -2.77 31.73 20.58
C MET A 99 -2.73 30.23 20.38
N VAL A 100 -2.29 29.90 19.20
CA VAL A 100 -2.11 28.54 18.76
C VAL A 100 -0.62 28.49 18.55
N ILE A 101 0.12 27.81 19.42
CA ILE A 101 1.58 27.81 19.29
C ILE A 101 2.24 26.73 18.42
N GLY A 102 2.28 26.92 17.11
CA GLY A 102 2.90 25.94 16.26
C GLY A 102 4.40 25.87 16.42
N THR A 103 4.95 26.94 16.99
CA THR A 103 6.39 27.06 17.22
C THR A 103 6.86 25.87 18.04
N THR A 104 8.13 25.49 17.88
CA THR A 104 8.64 24.30 18.57
C THR A 104 10.14 24.27 18.86
N GLY A 105 10.53 24.12 20.13
CA GLY A 105 11.95 24.05 20.46
C GLY A 105 12.36 24.70 21.77
N PHE A 106 11.36 25.06 22.56
CA PHE A 106 11.57 25.73 23.83
C PHE A 106 12.49 25.03 24.84
N ASP A 107 13.04 25.79 25.77
CA ASP A 107 13.87 25.20 26.81
C ASP A 107 12.93 24.96 27.99
N GLU A 108 13.44 24.49 29.12
CA GLU A 108 12.54 24.20 30.26
C GLU A 108 11.77 25.45 30.74
N ALA A 109 12.33 26.63 30.52
CA ALA A 109 11.70 27.88 30.94
C ALA A 109 10.77 28.47 29.87
N GLY A 110 10.76 27.83 28.70
CA GLY A 110 9.92 28.30 27.61
C GLY A 110 8.57 27.67 27.84
N LYS A 111 8.59 26.35 27.99
CA LYS A 111 7.37 25.58 28.27
C LYS A 111 6.81 26.03 29.65
N GLN A 112 7.73 26.29 30.58
CA GLN A 112 7.33 26.74 31.90
C GLN A 112 6.85 28.20 31.83
N ALA A 113 7.18 28.86 30.72
CA ALA A 113 6.76 30.23 30.50
C ALA A 113 5.32 30.13 29.99
N ILE A 114 5.14 29.35 28.92
CA ILE A 114 3.82 29.15 28.30
C ILE A 114 2.84 28.64 29.32
N ARG A 115 3.38 28.05 30.38
CA ARG A 115 2.56 27.54 31.45
C ARG A 115 1.87 28.75 32.09
N ASP A 116 2.68 29.69 32.56
CA ASP A 116 2.15 30.89 33.21
C ASP A 116 1.07 31.56 32.39
N ALA A 117 1.44 31.94 31.18
CA ALA A 117 0.57 32.65 30.27
C ALA A 117 -0.81 32.11 30.30
N ALA A 118 -0.86 30.78 30.34
CA ALA A 118 -2.12 30.02 30.33
C ALA A 118 -3.27 30.60 31.15
N ALA A 119 -3.06 30.80 32.45
CA ALA A 119 -4.10 31.33 33.36
C ALA A 119 -4.63 32.65 32.87
N ASP A 120 -3.71 33.47 32.38
CA ASP A 120 -4.08 34.76 31.89
C ASP A 120 -4.85 34.61 30.58
N ILE A 121 -4.42 33.69 29.73
CA ILE A 121 -5.10 33.55 28.46
C ILE A 121 -5.20 32.10 27.90
N ALA A 122 -6.14 31.93 26.98
CA ALA A 122 -6.42 30.67 26.30
C ALA A 122 -5.40 30.22 25.26
N ILE A 123 -4.32 29.57 25.68
CA ILE A 123 -3.31 29.05 24.75
C ILE A 123 -3.65 27.63 24.31
N VAL A 124 -3.02 27.15 23.25
CA VAL A 124 -3.24 25.81 22.79
C VAL A 124 -1.90 25.41 22.30
N PHE A 125 -1.42 24.29 22.76
CA PHE A 125 -0.10 23.97 22.36
C PHE A 125 0.20 22.53 22.03
N ALA A 126 0.45 22.29 20.75
CA ALA A 126 0.73 20.95 20.30
C ALA A 126 2.05 20.75 19.55
N ALA A 127 2.56 19.53 19.64
CA ALA A 127 3.78 19.11 19.01
C ALA A 127 3.47 18.71 17.57
N ASN A 128 2.17 18.54 17.29
CA ASN A 128 1.80 18.14 15.96
C ASN A 128 0.36 18.47 15.54
N PHE A 129 0.23 19.48 14.70
CA PHE A 129 -1.07 19.96 14.30
C PHE A 129 -1.78 19.22 13.18
N SER A 130 -1.44 17.95 13.04
CA SER A 130 -2.12 17.22 12.02
C SER A 130 -3.32 16.59 12.63
N VAL A 131 -4.46 16.72 12.00
CA VAL A 131 -5.56 16.04 12.57
C VAL A 131 -5.22 14.56 12.43
N GLY A 132 -5.21 14.06 11.17
CA GLY A 132 -4.90 12.66 10.91
C GLY A 132 -3.97 12.09 11.98
N VAL A 133 -2.72 12.53 12.00
CA VAL A 133 -1.78 12.04 13.01
C VAL A 133 -2.33 11.92 14.43
N ASN A 134 -2.80 13.03 14.95
CA ASN A 134 -3.33 13.01 16.30
C ASN A 134 -4.36 11.92 16.42
N VAL A 135 -5.15 11.75 15.38
CA VAL A 135 -6.16 10.75 15.43
C VAL A 135 -5.48 9.38 15.51
N MET A 136 -4.64 9.10 14.54
CA MET A 136 -3.96 7.80 14.51
C MET A 136 -3.40 7.46 15.87
N LEU A 137 -2.67 8.41 16.41
CA LEU A 137 -2.05 8.25 17.69
C LEU A 137 -3.02 7.70 18.69
N LYS A 138 -4.27 8.10 18.57
CA LYS A 138 -5.32 7.63 19.47
C LYS A 138 -5.73 6.23 19.10
N LEU A 139 -6.11 6.05 17.86
CA LEU A 139 -6.53 4.76 17.38
C LEU A 139 -5.52 3.73 17.81
N LEU A 140 -4.26 4.11 17.86
CA LEU A 140 -3.24 3.18 18.27
C LEU A 140 -3.48 2.61 19.64
N GLU A 141 -3.77 3.48 20.59
CA GLU A 141 -4.03 3.03 21.94
C GLU A 141 -5.09 1.98 21.87
N LYS A 142 -6.18 2.31 21.21
CA LYS A 142 -7.26 1.36 21.06
C LYS A 142 -6.74 0.00 20.55
N ALA A 143 -6.09 -0.04 19.40
CA ALA A 143 -5.59 -1.32 18.88
C ALA A 143 -4.68 -2.06 19.84
N ALA A 144 -3.58 -1.42 20.22
CA ALA A 144 -2.63 -2.01 21.16
C ALA A 144 -3.37 -2.64 22.34
N LYS A 145 -4.46 -1.99 22.75
CA LYS A 145 -5.28 -2.46 23.86
C LYS A 145 -5.72 -3.89 23.63
N VAL A 146 -6.48 -4.08 22.57
CA VAL A 146 -6.98 -5.38 22.22
C VAL A 146 -5.97 -6.36 21.70
N MET A 147 -5.21 -5.97 20.69
CA MET A 147 -4.28 -6.89 20.06
C MET A 147 -2.85 -6.72 20.50
N GLY A 148 -2.60 -5.74 21.33
CA GLY A 148 -1.23 -5.52 21.71
C GLY A 148 -0.49 -6.73 22.23
N ASP A 149 -1.09 -7.38 23.22
CA ASP A 149 -0.48 -8.52 23.91
C ASP A 149 0.12 -9.65 23.12
N TYR A 150 -0.65 -10.18 22.19
CA TYR A 150 -0.20 -11.30 21.39
C TYR A 150 0.42 -11.04 20.03
N THR A 151 0.21 -9.87 19.45
CA THR A 151 0.76 -9.57 18.13
C THR A 151 2.17 -8.96 18.14
N ASP A 152 2.82 -8.96 16.98
CA ASP A 152 4.14 -8.34 16.86
C ASP A 152 3.92 -6.93 16.38
N ILE A 153 4.58 -5.98 17.03
CA ILE A 153 4.39 -4.60 16.66
C ILE A 153 5.61 -4.01 16.08
N GLU A 154 5.40 -3.43 14.90
CA GLU A 154 6.51 -2.84 14.17
C GLU A 154 6.05 -1.52 13.69
N ILE A 155 7.00 -0.60 13.62
CA ILE A 155 6.73 0.76 13.17
C ILE A 155 7.65 1.17 12.05
N ILE A 156 7.05 1.56 10.93
CA ILE A 156 7.84 1.94 9.77
C ILE A 156 7.54 3.35 9.39
N GLU A 157 8.61 4.12 9.19
CA GLU A 157 8.45 5.51 8.76
C GLU A 157 9.41 5.83 7.67
N ALA A 158 9.01 6.79 6.86
CA ALA A 158 9.84 7.22 5.75
C ALA A 158 9.74 8.73 5.60
N HIS A 159 10.88 9.36 5.34
CA HIS A 159 10.94 10.81 5.18
C HIS A 159 11.99 11.18 4.15
N HIS A 160 11.80 12.32 3.52
CA HIS A 160 12.72 12.87 2.53
C HIS A 160 14.19 12.71 2.94
N ARG A 161 15.08 12.74 1.94
CA ARG A 161 16.53 12.58 2.18
C ARG A 161 17.25 13.51 3.17
N HIS A 162 16.67 14.69 3.43
CA HIS A 162 17.31 15.62 4.32
C HIS A 162 17.07 15.41 5.80
N LYS A 163 16.03 14.67 6.22
CA LYS A 163 15.80 14.51 7.66
C LYS A 163 17.05 14.00 8.36
N VAL A 164 17.36 14.51 9.56
CA VAL A 164 18.58 14.07 10.24
C VAL A 164 18.43 13.31 11.53
N ASP A 165 17.21 13.15 12.00
CA ASP A 165 17.01 12.38 13.21
C ASP A 165 16.25 11.10 12.84
N ALA A 166 16.71 9.97 13.38
CA ALA A 166 16.08 8.64 13.14
C ALA A 166 15.82 7.97 14.48
N PRO A 167 14.60 7.47 14.68
CA PRO A 167 13.51 7.52 13.72
C PRO A 167 12.80 8.85 13.88
N SER A 168 11.77 9.09 13.07
CA SER A 168 11.01 10.32 13.15
C SER A 168 10.43 10.48 14.55
N GLY A 169 10.31 11.72 14.99
CA GLY A 169 9.78 11.99 16.31
C GLY A 169 8.36 11.52 16.44
N THR A 170 7.69 11.47 15.32
CA THR A 170 6.33 11.01 15.31
C THR A 170 6.32 9.49 15.56
N ALA A 171 7.27 8.78 14.94
CA ALA A 171 7.35 7.34 15.11
C ALA A 171 7.44 7.06 16.61
N LEU A 172 8.40 7.70 17.25
CA LEU A 172 8.59 7.52 18.67
C LEU A 172 7.32 7.83 19.41
N ALA A 173 6.61 8.85 18.97
CA ALA A 173 5.38 9.18 19.67
C ALA A 173 4.43 8.00 19.55
N MET A 174 4.43 7.35 18.39
CA MET A 174 3.57 6.19 18.14
C MET A 174 4.03 5.09 19.06
N GLY A 175 5.34 4.92 19.12
CA GLY A 175 5.89 3.90 19.98
C GLY A 175 5.33 4.08 21.39
N GLU A 176 5.45 5.31 21.86
CA GLU A 176 5.00 5.61 23.20
C GLU A 176 3.54 5.35 23.40
N ALA A 177 2.75 5.81 22.46
CA ALA A 177 1.30 5.61 22.57
C ALA A 177 1.01 4.16 22.87
N ILE A 178 1.58 3.28 22.05
CA ILE A 178 1.39 1.85 22.18
C ILE A 178 1.95 1.36 23.50
N ALA A 179 3.24 1.59 23.69
CA ALA A 179 3.91 1.18 24.88
C ALA A 179 3.06 1.46 26.10
N HIS A 180 2.63 2.70 26.27
CA HIS A 180 1.83 3.07 27.43
C HIS A 180 0.43 2.48 27.51
N ALA A 181 -0.13 2.08 26.37
CA ALA A 181 -1.46 1.48 26.39
C ALA A 181 -1.31 0.05 26.89
N LEU A 182 -0.06 -0.40 26.90
CA LEU A 182 0.29 -1.76 27.35
C LEU A 182 1.14 -1.77 28.62
N ASP A 183 0.94 -0.80 29.49
CA ASP A 183 1.67 -0.72 30.74
C ASP A 183 3.16 -0.96 30.69
N LYS A 184 3.78 -0.71 29.55
CA LYS A 184 5.22 -0.87 29.45
C LYS A 184 5.87 0.40 28.93
N ASP A 185 7.18 0.53 29.13
CA ASP A 185 7.92 1.72 28.70
C ASP A 185 8.79 1.44 27.46
N LEU A 186 8.60 2.26 26.44
CA LEU A 186 9.34 2.09 25.19
C LEU A 186 10.84 1.82 25.32
N LYS A 187 11.49 2.40 26.31
CA LYS A 187 12.93 2.21 26.48
C LYS A 187 13.28 0.74 26.66
N ASP A 188 12.36 0.02 27.25
CA ASP A 188 12.51 -1.39 27.52
C ASP A 188 12.48 -2.27 26.28
N CYS A 189 11.49 -2.05 25.41
CA CYS A 189 11.29 -2.89 24.23
C CYS A 189 11.46 -2.29 22.85
N ALA A 190 12.34 -1.32 22.70
CA ALA A 190 12.50 -0.73 21.39
C ALA A 190 13.64 -1.36 20.66
N VAL A 191 13.44 -1.63 19.38
CA VAL A 191 14.53 -2.18 18.60
C VAL A 191 14.58 -1.30 17.40
N TYR A 192 15.73 -0.66 17.24
CA TYR A 192 15.96 0.27 16.16
C TYR A 192 16.71 -0.31 14.99
N SER A 193 17.58 -1.28 15.25
CA SER A 193 18.33 -1.90 14.17
C SER A 193 18.28 -3.41 14.10
N ARG A 194 18.25 -3.91 12.88
CA ARG A 194 18.23 -5.32 12.63
C ARG A 194 19.27 -5.49 11.54
N GLU A 195 20.44 -5.94 11.95
CA GLU A 195 21.54 -6.11 11.01
C GLU A 195 22.40 -7.32 11.36
N GLY A 196 22.74 -8.11 10.35
CA GLY A 196 23.56 -9.30 10.57
C GLY A 196 22.70 -10.44 11.07
N HIS A 197 23.29 -11.38 11.80
CA HIS A 197 22.53 -12.52 12.34
C HIS A 197 21.83 -12.06 13.64
N THR A 198 20.61 -11.56 13.50
CA THR A 198 19.80 -11.06 14.62
C THR A 198 19.30 -12.13 15.58
N GLY A 199 18.73 -13.17 14.99
CA GLY A 199 18.14 -14.22 15.79
C GLY A 199 16.64 -14.01 15.61
N GLU A 200 15.85 -14.37 16.62
CA GLU A 200 14.40 -14.25 16.55
C GLU A 200 13.82 -12.93 17.09
N ARG A 201 12.78 -12.43 16.40
CA ARG A 201 12.04 -11.23 16.78
C ARG A 201 11.65 -11.51 18.22
N VAL A 202 12.23 -10.78 19.17
CA VAL A 202 11.92 -11.01 20.57
C VAL A 202 10.51 -10.65 20.93
N PRO A 203 9.82 -11.57 21.59
CA PRO A 203 8.44 -11.33 22.00
C PRO A 203 8.31 -10.02 22.74
N GLY A 204 7.22 -9.32 22.38
CA GLY A 204 6.90 -8.07 23.02
C GLY A 204 7.72 -6.85 22.66
N THR A 205 8.71 -6.99 21.80
CA THR A 205 9.46 -5.80 21.42
C THR A 205 8.74 -5.08 20.29
N ILE A 206 9.07 -3.79 20.14
CA ILE A 206 8.52 -2.94 19.10
C ILE A 206 9.71 -2.63 18.25
N GLY A 207 9.57 -2.77 16.96
CA GLY A 207 10.71 -2.46 16.13
C GLY A 207 10.43 -1.28 15.28
N PHE A 208 11.52 -0.68 14.81
CA PHE A 208 11.46 0.48 13.93
C PHE A 208 12.29 0.26 12.65
N ALA A 209 11.71 0.70 11.54
CA ALA A 209 12.39 0.63 10.26
C ALA A 209 12.36 2.07 9.76
N THR A 210 13.52 2.57 9.35
CA THR A 210 13.59 3.96 8.88
C THR A 210 14.05 4.15 7.46
N VAL A 211 13.16 4.73 6.66
CA VAL A 211 13.49 5.02 5.28
C VAL A 211 13.74 6.51 5.14
N ARG A 212 14.79 6.83 4.40
CA ARG A 212 15.17 8.19 4.17
C ARG A 212 15.39 8.31 2.71
N ALA A 213 14.50 9.01 2.03
CA ALA A 213 14.65 9.18 0.60
C ALA A 213 13.77 10.28 0.00
N GLY A 214 14.33 10.93 -1.03
CA GLY A 214 13.64 11.96 -1.78
C GLY A 214 12.96 13.07 -1.01
N ASP A 215 11.82 13.48 -1.55
CA ASP A 215 11.05 14.57 -0.99
C ASP A 215 9.89 14.10 -0.15
N ILE A 216 10.02 12.93 0.48
CA ILE A 216 8.88 12.44 1.24
C ILE A 216 8.55 13.29 2.42
N VAL A 217 7.36 13.87 2.40
CA VAL A 217 6.99 14.71 3.49
C VAL A 217 6.96 13.88 4.72
N GLY A 218 6.21 12.78 4.69
CA GLY A 218 6.14 11.91 5.86
C GLY A 218 5.13 10.80 5.79
N GLU A 219 5.63 9.58 5.90
CA GLU A 219 4.76 8.42 5.88
C GLU A 219 5.08 7.56 7.09
N HIS A 220 4.03 7.25 7.85
CA HIS A 220 4.15 6.44 9.06
C HIS A 220 3.19 5.27 9.11
N THR A 221 3.72 4.10 9.49
CA THR A 221 2.91 2.91 9.61
C THR A 221 3.08 2.17 10.90
N ALA A 222 1.94 1.89 11.52
CA ALA A 222 1.86 1.15 12.76
C ALA A 222 1.35 -0.22 12.34
N MET A 223 2.10 -1.27 12.71
CA MET A 223 1.75 -2.64 12.36
C MET A 223 1.58 -3.62 13.53
N PHE A 224 0.40 -4.23 13.54
CA PHE A 224 0.03 -5.23 14.53
C PHE A 224 -0.10 -6.56 13.81
N ALA A 225 0.95 -7.36 13.93
CA ALA A 225 1.01 -8.64 13.25
C ALA A 225 0.80 -9.85 14.10
N ASP A 226 -0.09 -10.72 13.64
CA ASP A 226 -0.45 -11.98 14.27
C ASP A 226 -0.26 -13.03 13.17
N ILE A 227 -0.38 -14.29 13.50
CA ILE A 227 -0.23 -15.30 12.46
C ILE A 227 -1.61 -15.42 11.86
N GLY A 228 -1.72 -15.15 10.58
CA GLY A 228 -3.04 -15.27 9.95
C GLY A 228 -3.64 -13.93 9.60
N GLU A 229 -3.19 -12.86 10.25
CA GLU A 229 -3.71 -11.54 9.96
C GLU A 229 -2.84 -10.47 10.57
N ARG A 230 -2.95 -9.25 10.02
CA ARG A 230 -2.24 -8.11 10.55
C ARG A 230 -3.02 -6.86 10.23
N LEU A 231 -2.96 -5.91 11.16
CA LEU A 231 -3.63 -4.64 11.02
C LEU A 231 -2.52 -3.64 10.86
N GLU A 232 -2.73 -2.73 9.92
CA GLU A 232 -1.77 -1.65 9.64
C GLU A 232 -2.51 -0.34 9.65
N ILE A 233 -2.01 0.58 10.45
CA ILE A 233 -2.60 1.89 10.49
C ILE A 233 -1.54 2.76 9.89
N THR A 234 -1.93 3.52 8.89
CA THR A 234 -0.97 4.36 8.23
C THR A 234 -1.38 5.80 7.94
N HIS A 235 -0.42 6.69 8.18
CA HIS A 235 -0.64 8.11 7.92
C HIS A 235 0.34 8.61 6.87
N LYS A 236 -0.15 9.41 5.93
CA LYS A 236 0.67 9.99 4.88
C LYS A 236 0.45 11.52 4.75
N ALA A 237 1.50 12.29 4.92
CA ALA A 237 1.42 13.74 4.84
C ALA A 237 1.86 14.12 3.46
N SER A 238 0.99 14.78 2.70
CA SER A 238 1.35 15.17 1.34
C SER A 238 1.95 16.54 1.21
N SER A 239 1.54 17.45 2.07
CA SER A 239 2.04 18.80 2.02
C SER A 239 2.10 19.26 3.43
N ARG A 240 2.84 20.33 3.70
CA ARG A 240 2.92 20.84 5.06
C ARG A 240 1.68 21.61 5.45
N MET A 241 0.67 21.53 4.60
CA MET A 241 -0.58 22.20 4.82
C MET A 241 -1.27 21.57 6.01
N THR A 242 -1.18 20.25 6.07
CA THR A 242 -1.78 19.41 7.09
C THR A 242 -1.77 20.05 8.44
N PHE A 243 -0.60 20.56 8.79
CA PHE A 243 -0.42 21.16 10.09
C PHE A 243 -1.18 22.46 10.15
N ALA A 244 -1.10 23.21 9.07
CA ALA A 244 -1.80 24.48 8.98
C ALA A 244 -3.27 24.25 9.30
N ASN A 245 -3.87 23.35 8.53
CA ASN A 245 -5.27 23.03 8.72
C ASN A 245 -5.55 22.70 10.17
N GLY A 246 -4.57 22.05 10.78
CA GLY A 246 -4.68 21.68 12.16
C GLY A 246 -4.80 22.91 13.01
N ALA A 247 -3.83 23.83 12.87
CA ALA A 247 -3.78 25.08 13.65
C ALA A 247 -4.95 26.02 13.46
N VAL A 248 -5.49 26.06 12.24
CA VAL A 248 -6.61 26.93 12.00
C VAL A 248 -7.76 26.36 12.79
N ARG A 249 -8.08 25.08 12.56
CA ARG A 249 -9.14 24.36 13.27
C ARG A 249 -8.94 24.58 14.74
N SER A 250 -7.70 24.37 15.17
CA SER A 250 -7.33 24.59 16.56
C SER A 250 -7.78 26.02 16.92
N ALA A 251 -7.18 26.99 16.26
CA ALA A 251 -7.50 28.39 16.45
C ALA A 251 -9.00 28.59 16.59
N LEU A 252 -9.76 28.24 15.55
CA LEU A 252 -11.21 28.37 15.64
C LEU A 252 -11.76 27.76 16.91
N TRP A 253 -11.27 26.57 17.24
CA TRP A 253 -11.74 25.87 18.42
C TRP A 253 -11.84 26.82 19.64
N LEU A 254 -10.76 27.58 19.87
CA LEU A 254 -10.66 28.54 20.97
C LEU A 254 -11.76 29.60 21.07
N SER A 255 -12.46 29.85 19.97
CA SER A 255 -13.56 30.84 19.94
C SER A 255 -14.30 31.07 21.26
N GLY A 256 -14.49 30.04 22.08
CA GLY A 256 -15.21 30.28 23.32
C GLY A 256 -14.52 30.26 24.69
N LYS A 257 -13.20 30.46 24.81
CA LYS A 257 -12.56 30.38 26.16
C LYS A 257 -11.69 31.56 26.69
N GLU A 258 -11.67 31.72 28.02
CA GLU A 258 -10.89 32.78 28.67
C GLU A 258 -9.42 32.39 28.85
N SER A 259 -9.22 31.44 29.75
CA SER A 259 -7.87 30.97 30.05
C SER A 259 -7.75 29.53 29.62
N GLY A 260 -6.52 29.00 29.67
CA GLY A 260 -6.28 27.62 29.33
C GLY A 260 -5.01 27.25 28.55
N LEU A 261 -4.67 25.96 28.60
CA LEU A 261 -3.52 25.38 27.93
C LEU A 261 -4.04 24.07 27.37
N PHE A 262 -3.81 23.82 26.08
CA PHE A 262 -4.30 22.59 25.45
C PHE A 262 -3.36 21.98 24.43
N ASP A 263 -3.91 21.01 23.71
CA ASP A 263 -3.23 20.31 22.63
C ASP A 263 -4.33 19.73 21.77
N MET A 264 -3.95 19.12 20.65
CA MET A 264 -4.91 18.55 19.72
C MET A 264 -5.96 17.59 20.25
N ARG A 265 -5.70 16.93 21.38
CA ARG A 265 -6.65 15.99 21.95
C ARG A 265 -7.91 16.75 22.37
N ASP A 266 -7.65 17.83 23.10
CA ASP A 266 -8.66 18.73 23.60
C ASP A 266 -9.46 19.22 22.41
N VAL A 267 -8.75 19.85 21.48
CA VAL A 267 -9.38 20.43 20.30
C VAL A 267 -10.24 19.42 19.59
N LEU A 268 -9.56 18.37 19.16
CA LEU A 268 -10.19 17.32 18.44
C LEU A 268 -11.23 16.62 19.27
N ASP A 269 -11.16 16.82 20.60
CA ASP A 269 -12.08 16.20 21.57
C ASP A 269 -11.85 14.69 21.52
N LEU A 270 -10.67 14.25 21.92
CA LEU A 270 -10.34 12.84 21.80
C LEU A 270 -10.27 11.96 22.99
N ASN A 271 -10.46 12.53 24.15
CA ASN A 271 -10.41 11.64 25.28
C ASN A 271 -11.74 10.97 25.52
N ASN A 272 -12.76 11.55 24.91
CA ASN A 272 -14.09 10.98 24.96
C ASN A 272 -14.24 10.12 23.68
N LEU A 273 -13.10 9.76 23.12
CA LEU A 273 -13.13 8.92 21.96
C LEU A 273 -12.41 7.64 22.25
N ASN B 5 16.37 29.27 -27.54
CA ASN B 5 15.23 30.08 -28.02
C ASN B 5 14.10 29.26 -28.67
N ILE B 6 13.16 28.79 -27.86
CA ILE B 6 12.02 28.05 -28.37
C ILE B 6 10.91 28.65 -27.56
N ARG B 7 10.05 29.40 -28.23
CA ARG B 7 8.93 30.06 -27.58
C ARG B 7 7.83 29.04 -27.40
N VAL B 8 7.19 29.05 -26.26
CA VAL B 8 6.16 28.06 -26.02
C VAL B 8 4.76 28.56 -25.72
N ALA B 9 3.79 28.00 -26.40
CA ALA B 9 2.40 28.36 -26.16
C ALA B 9 1.93 27.44 -25.06
N ILE B 10 1.27 28.00 -24.05
CA ILE B 10 0.79 27.18 -22.96
C ILE B 10 -0.71 27.17 -22.86
N ALA B 11 -1.31 26.15 -23.46
CA ALA B 11 -2.76 26.04 -23.44
C ALA B 11 -3.32 25.98 -22.01
N GLY B 12 -4.59 26.36 -21.85
CA GLY B 12 -5.23 26.33 -20.53
C GLY B 12 -4.32 26.72 -19.39
N ALA B 13 -3.72 27.88 -19.50
CA ALA B 13 -2.81 28.34 -18.47
C ALA B 13 -3.38 28.49 -17.04
N GLY B 14 -4.68 28.40 -16.87
CA GLY B 14 -5.27 28.55 -15.55
C GLY B 14 -5.17 27.26 -14.75
N GLY B 15 -5.45 26.15 -15.43
CA GLY B 15 -5.40 24.82 -14.84
C GLY B 15 -4.15 24.49 -14.06
N ARG B 16 -4.24 23.48 -13.18
CA ARG B 16 -3.08 23.13 -12.34
C ARG B 16 -1.85 22.77 -13.14
N MET B 17 -2.03 22.21 -14.32
CA MET B 17 -0.86 21.92 -15.14
C MET B 17 -0.34 23.20 -15.80
N GLY B 18 -1.26 24.13 -16.05
CA GLY B 18 -0.88 25.40 -16.66
C GLY B 18 0.08 26.10 -15.73
N ARG B 19 -0.39 26.40 -14.54
CA ARG B 19 0.42 27.08 -13.54
C ARG B 19 1.79 26.40 -13.36
N GLN B 20 1.86 25.09 -13.56
CA GLN B 20 3.13 24.39 -13.40
C GLN B 20 3.99 24.60 -14.63
N LEU B 21 3.36 24.38 -15.77
CA LEU B 21 4.01 24.51 -17.06
C LEU B 21 4.60 25.90 -17.22
N ILE B 22 3.85 26.90 -16.77
CA ILE B 22 4.30 28.25 -16.90
C ILE B 22 5.58 28.48 -16.14
N GLN B 23 5.54 28.28 -14.83
CA GLN B 23 6.78 28.54 -14.11
C GLN B 23 7.89 27.63 -14.56
N ALA B 24 7.49 26.50 -15.14
CA ALA B 24 8.46 25.55 -15.62
C ALA B 24 9.26 26.24 -16.73
N ALA B 25 8.54 26.73 -17.73
CA ALA B 25 9.18 27.42 -18.86
C ALA B 25 9.99 28.65 -18.45
N LEU B 26 9.46 29.41 -17.51
CA LEU B 26 10.14 30.60 -17.04
C LEU B 26 11.47 30.22 -16.48
N ALA B 27 11.43 29.19 -15.65
CA ALA B 27 12.59 28.67 -14.96
C ALA B 27 13.66 28.07 -15.86
N LEU B 28 13.26 27.72 -17.08
CA LEU B 28 14.22 27.11 -17.98
C LEU B 28 14.95 27.95 -19.02
N GLU B 29 16.29 27.88 -19.00
CA GLU B 29 17.12 28.58 -19.98
C GLU B 29 16.82 27.93 -21.34
N GLY B 30 16.70 28.70 -22.40
CA GLY B 30 16.42 28.06 -23.66
C GLY B 30 14.98 28.21 -24.11
N VAL B 31 13.99 28.01 -23.25
CA VAL B 31 12.65 28.26 -23.74
C VAL B 31 12.27 29.54 -23.09
N GLN B 32 11.46 30.30 -23.82
CA GLN B 32 10.93 31.54 -23.32
C GLN B 32 9.42 31.43 -23.36
N LEU B 33 8.79 31.94 -22.31
CA LEU B 33 7.37 31.89 -22.20
C LEU B 33 6.80 32.63 -23.41
N GLY B 34 6.40 31.89 -24.43
CA GLY B 34 5.85 32.52 -25.61
C GLY B 34 4.51 33.17 -25.35
N ALA B 35 3.53 32.35 -25.08
CA ALA B 35 2.20 32.85 -24.83
C ALA B 35 1.54 32.06 -23.70
N ALA B 36 0.31 32.44 -23.43
CA ALA B 36 -0.52 31.83 -22.40
C ALA B 36 -1.90 31.87 -23.00
N LEU B 37 -2.71 30.85 -22.77
CA LEU B 37 -4.05 30.88 -23.31
C LEU B 37 -5.10 30.48 -22.34
N GLU B 38 -6.34 30.66 -22.75
CA GLU B 38 -7.41 30.28 -21.87
C GLU B 38 -8.73 30.16 -22.60
N ARG B 39 -9.76 29.78 -21.85
CA ARG B 39 -11.08 29.53 -22.41
C ARG B 39 -11.94 30.76 -22.62
N GLU B 40 -12.88 30.66 -23.56
CA GLU B 40 -13.81 31.73 -23.87
C GLU B 40 -14.13 32.40 -22.57
N GLY B 41 -13.83 33.69 -22.50
CA GLY B 41 -14.09 34.45 -21.29
C GLY B 41 -13.70 33.76 -20.00
N SER B 42 -12.40 33.58 -19.80
CA SER B 42 -11.92 32.97 -18.59
C SER B 42 -12.00 34.01 -17.48
N SER B 43 -12.41 33.57 -16.30
CA SER B 43 -12.52 34.42 -15.12
C SER B 43 -11.28 35.30 -15.01
N LEU B 44 -10.17 34.86 -15.60
CA LEU B 44 -8.96 35.67 -15.56
C LEU B 44 -8.24 35.74 -16.91
N LEU B 45 -9.04 35.61 -17.98
CA LEU B 45 -8.51 35.70 -19.33
C LEU B 45 -7.86 37.09 -19.41
N GLY B 46 -6.59 37.15 -19.77
CA GLY B 46 -5.98 38.45 -19.86
C GLY B 46 -4.70 38.70 -19.12
N SER B 47 -4.80 39.06 -17.84
CA SER B 47 -3.63 39.39 -17.03
C SER B 47 -2.29 38.70 -17.18
N ASP B 48 -1.36 39.19 -16.39
CA ASP B 48 0.01 38.71 -16.39
C ASP B 48 0.18 37.22 -16.12
N ALA B 49 0.50 36.49 -17.18
CA ALA B 49 0.73 35.07 -17.06
C ALA B 49 1.63 34.79 -15.85
N GLY B 50 2.41 35.79 -15.47
CA GLY B 50 3.27 35.65 -14.31
C GLY B 50 2.46 35.45 -13.04
N GLU B 51 1.72 36.49 -12.64
CA GLU B 51 0.86 36.50 -11.43
C GLU B 51 0.07 35.20 -11.25
N LEU B 52 -0.41 34.70 -12.40
CA LEU B 52 -1.18 33.46 -12.56
C LEU B 52 -0.41 32.33 -11.89
N ALA B 53 0.79 32.09 -12.38
CA ALA B 53 1.65 31.06 -11.83
C ALA B 53 2.50 31.65 -10.68
N GLY B 54 1.92 31.70 -9.47
CA GLY B 54 2.64 32.21 -8.30
C GLY B 54 3.01 33.68 -8.25
N ALA B 55 3.17 34.19 -7.02
CA ALA B 55 3.52 35.61 -6.77
C ALA B 55 4.72 36.21 -7.55
N GLY B 56 4.49 37.42 -8.09
CA GLY B 56 5.47 38.17 -8.89
C GLY B 56 4.89 38.68 -10.21
N LYS B 57 5.74 39.01 -11.20
CA LYS B 57 5.28 39.53 -12.52
C LYS B 57 6.22 39.28 -13.76
N THR B 58 5.59 39.05 -14.92
CA THR B 58 6.31 38.80 -16.19
C THR B 58 5.70 39.60 -17.34
N GLY B 59 6.50 39.84 -18.37
CA GLY B 59 5.98 40.60 -19.50
C GLY B 59 4.61 40.13 -19.98
N VAL B 60 4.44 38.81 -20.02
CA VAL B 60 3.22 38.21 -20.54
C VAL B 60 1.86 38.40 -19.92
N THR B 61 0.88 38.15 -20.78
CA THR B 61 -0.54 38.20 -20.52
C THR B 61 -1.15 37.11 -21.42
N VAL B 62 -2.37 36.67 -21.05
CA VAL B 62 -3.12 35.58 -21.70
C VAL B 62 -4.33 36.00 -22.54
N GLN B 63 -4.75 35.15 -23.48
CA GLN B 63 -5.91 35.47 -24.34
C GLN B 63 -6.66 34.32 -25.01
N SER B 64 -7.86 34.61 -25.56
CA SER B 64 -8.64 33.54 -26.16
C SER B 64 -8.48 33.38 -27.66
N SER B 65 -7.29 33.66 -28.19
CA SER B 65 -7.15 33.51 -29.63
C SER B 65 -5.84 32.97 -30.13
N LEU B 66 -5.95 31.99 -31.03
CA LEU B 66 -4.78 31.39 -31.61
C LEU B 66 -4.05 32.42 -32.45
N ASP B 67 -4.68 32.86 -33.55
CA ASP B 67 -4.04 33.84 -34.42
C ASP B 67 -3.60 35.09 -33.68
N ALA B 68 -4.34 35.53 -32.67
CA ALA B 68 -3.95 36.72 -31.93
C ALA B 68 -2.49 36.68 -31.44
N VAL B 69 -1.94 35.48 -31.27
CA VAL B 69 -0.57 35.33 -30.79
C VAL B 69 0.17 34.38 -31.69
N LYS B 70 -0.48 33.98 -32.76
CA LYS B 70 0.07 33.02 -33.70
C LYS B 70 1.55 33.16 -34.08
N ASP B 71 2.17 34.29 -33.77
CA ASP B 71 3.60 34.47 -34.11
C ASP B 71 4.44 34.59 -32.86
N ASP B 72 3.78 34.36 -31.72
CA ASP B 72 4.41 34.47 -30.41
C ASP B 72 5.05 33.20 -29.84
N PHE B 73 4.96 32.09 -30.57
CA PHE B 73 5.55 30.81 -30.14
C PHE B 73 5.99 29.91 -31.29
N ASP B 74 6.62 28.80 -30.94
CA ASP B 74 7.08 27.82 -31.93
C ASP B 74 6.39 26.50 -31.65
N VAL B 75 6.36 26.17 -30.37
CA VAL B 75 5.75 24.92 -29.89
C VAL B 75 4.59 25.16 -28.98
N PHE B 76 3.54 24.45 -29.32
CA PHE B 76 2.34 24.53 -28.57
C PHE B 76 2.25 23.39 -27.55
N ILE B 77 2.16 23.74 -26.28
CA ILE B 77 2.07 22.78 -25.20
C ILE B 77 0.64 22.69 -24.72
N ASP B 78 0.03 21.56 -24.98
CA ASP B 78 -1.35 21.39 -24.60
C ASP B 78 -1.61 20.41 -23.50
N PHE B 79 -2.23 20.93 -22.44
CA PHE B 79 -2.65 20.17 -21.28
C PHE B 79 -4.01 20.68 -20.83
N THR B 80 -4.97 20.60 -21.72
CA THR B 80 -6.32 21.06 -21.44
C THR B 80 -7.21 19.85 -21.42
N ARG B 81 -8.22 19.82 -22.29
CA ARG B 81 -9.16 18.72 -22.42
C ARG B 81 -9.20 18.40 -23.92
N PRO B 82 -9.52 17.13 -24.27
CA PRO B 82 -9.57 16.65 -25.66
C PRO B 82 -10.22 17.62 -26.66
N GLU B 83 -11.51 17.91 -26.47
CA GLU B 83 -12.24 18.81 -27.36
C GLU B 83 -11.37 20.04 -27.64
N GLY B 84 -11.03 20.78 -26.57
CA GLY B 84 -10.18 21.95 -26.72
C GLY B 84 -8.99 21.59 -27.57
N THR B 85 -8.15 20.70 -27.04
CA THR B 85 -6.95 20.24 -27.72
C THR B 85 -7.12 19.95 -29.21
N LEU B 86 -8.27 19.38 -29.56
CA LEU B 86 -8.57 19.04 -30.94
C LEU B 86 -8.32 20.21 -31.89
N ASN B 87 -9.03 21.31 -31.61
CA ASN B 87 -8.92 22.50 -32.45
C ASN B 87 -7.46 22.95 -32.60
N HIS B 88 -6.79 23.10 -31.47
CA HIS B 88 -5.43 23.56 -31.44
C HIS B 88 -4.49 22.76 -32.34
N LEU B 89 -4.95 21.60 -32.81
CA LEU B 89 -4.14 20.74 -33.69
C LEU B 89 -4.00 21.33 -35.05
N ALA B 90 -5.08 21.18 -35.82
CA ALA B 90 -5.13 21.65 -37.19
C ALA B 90 -4.51 23.03 -37.19
N PHE B 91 -4.86 23.87 -36.22
CA PHE B 91 -4.24 25.19 -36.15
C PHE B 91 -2.74 24.94 -35.97
N CYS B 92 -2.38 24.19 -34.94
CA CYS B 92 -0.97 23.91 -34.72
C CYS B 92 -0.36 23.02 -35.82
N ARG B 93 -1.07 22.85 -36.93
CA ARG B 93 -0.60 22.05 -38.06
C ARG B 93 -0.47 22.95 -39.32
N GLN B 94 -1.63 23.51 -39.72
CA GLN B 94 -1.78 24.41 -40.87
C GLN B 94 -0.66 25.40 -40.78
N HIS B 95 -0.64 26.10 -39.66
CA HIS B 95 0.38 27.11 -39.40
C HIS B 95 1.68 26.42 -38.97
N GLY B 96 1.93 25.23 -39.51
CA GLY B 96 3.12 24.47 -39.20
C GLY B 96 3.71 24.53 -37.80
N LYS B 97 2.89 24.32 -36.76
CA LYS B 97 3.40 24.38 -35.37
C LYS B 97 3.64 23.05 -34.58
N GLY B 98 4.84 22.93 -33.99
CA GLY B 98 5.17 21.74 -33.21
C GLY B 98 4.33 21.70 -31.95
N MET B 99 3.71 20.55 -31.69
CA MET B 99 2.88 20.43 -30.50
C MET B 99 3.46 19.37 -29.58
N VAL B 100 3.01 19.41 -28.33
CA VAL B 100 3.38 18.49 -27.24
C VAL B 100 2.08 18.33 -26.44
N ILE B 101 1.42 17.20 -26.65
CA ILE B 101 0.17 16.91 -25.98
C ILE B 101 0.27 15.96 -24.78
N GLY B 102 -0.29 16.45 -23.65
CA GLY B 102 -0.32 15.72 -22.40
C GLY B 102 -1.77 15.57 -21.95
N THR B 103 -2.70 16.05 -22.76
CA THR B 103 -4.12 15.94 -22.42
C THR B 103 -4.50 14.46 -22.52
N THR B 104 -5.46 14.03 -21.70
CA THR B 104 -5.88 12.60 -21.74
C THR B 104 -7.37 12.42 -21.95
N GLY B 105 -7.77 11.20 -22.31
CA GLY B 105 -9.19 10.95 -22.49
C GLY B 105 -9.71 11.01 -23.90
N PHE B 106 -8.82 10.85 -24.85
CA PHE B 106 -9.19 10.89 -26.24
C PHE B 106 -9.97 9.67 -26.73
N ASP B 107 -11.08 9.89 -27.44
CA ASP B 107 -11.84 8.78 -28.01
C ASP B 107 -10.99 8.33 -29.19
N GLU B 108 -11.11 7.05 -29.55
CA GLU B 108 -10.37 6.46 -30.66
C GLU B 108 -10.24 7.33 -31.95
N ALA B 109 -11.24 8.20 -32.17
CA ALA B 109 -11.24 9.08 -33.34
C ALA B 109 -10.23 10.22 -33.18
N GLY B 110 -10.32 10.93 -32.07
CA GLY B 110 -9.39 12.00 -31.81
C GLY B 110 -7.99 11.44 -31.95
N LYS B 111 -7.76 10.29 -31.34
CA LYS B 111 -6.47 9.65 -31.40
C LYS B 111 -6.01 9.51 -32.84
N GLN B 112 -6.97 9.35 -33.75
CA GLN B 112 -6.68 9.22 -35.17
C GLN B 112 -6.24 10.56 -35.74
N ALA B 113 -6.98 11.61 -35.38
CA ALA B 113 -6.67 12.97 -35.83
C ALA B 113 -5.23 13.29 -35.48
N ILE B 114 -4.84 13.07 -34.23
CA ILE B 114 -3.46 13.33 -33.81
C ILE B 114 -2.58 12.52 -34.75
N ARG B 115 -3.02 11.27 -34.94
CA ARG B 115 -2.34 10.32 -35.78
C ARG B 115 -2.12 10.93 -37.18
N ASP B 116 -3.17 11.58 -37.69
CA ASP B 116 -3.13 12.22 -39.00
C ASP B 116 -2.18 13.42 -39.02
N ALA B 117 -2.49 14.42 -38.19
CA ALA B 117 -1.69 15.63 -38.08
C ALA B 117 -0.16 15.41 -38.05
N ALA B 118 0.27 14.29 -37.49
CA ALA B 118 1.70 14.01 -37.42
C ALA B 118 2.36 13.93 -38.80
N ALA B 119 1.54 13.84 -39.83
CA ALA B 119 2.04 13.74 -41.19
C ALA B 119 3.00 14.85 -41.60
N ASP B 120 2.74 16.07 -41.16
CA ASP B 120 3.57 17.22 -41.54
C ASP B 120 4.20 17.98 -40.35
N ILE B 121 3.53 17.89 -39.20
CA ILE B 121 4.00 18.52 -37.97
C ILE B 121 4.46 17.44 -37.01
N ALA B 122 5.25 17.84 -36.02
CA ALA B 122 5.76 16.93 -35.01
C ALA B 122 5.01 17.08 -33.68
N ILE B 123 4.47 15.94 -33.25
CA ILE B 123 3.75 15.90 -32.00
C ILE B 123 4.40 14.92 -31.03
N VAL B 124 4.32 15.29 -29.76
CA VAL B 124 4.80 14.43 -28.71
C VAL B 124 3.54 14.24 -27.91
N PHE B 125 2.93 13.10 -28.17
CA PHE B 125 1.72 12.74 -27.49
C PHE B 125 2.03 11.63 -26.53
N ALA B 126 1.84 11.92 -25.24
CA ALA B 126 2.11 10.95 -24.20
C ALA B 126 0.97 11.03 -23.19
N ALA B 127 0.73 9.95 -22.47
CA ALA B 127 -0.33 9.95 -21.46
C ALA B 127 0.26 10.34 -20.10
N ASN B 128 1.59 10.37 -20.03
CA ASN B 128 2.29 10.72 -18.81
C ASN B 128 3.65 11.31 -19.18
N PHE B 129 3.99 12.42 -18.54
CA PHE B 129 5.25 13.03 -18.85
C PHE B 129 6.33 12.92 -17.79
N SER B 130 6.31 11.85 -17.01
CA SER B 130 7.32 11.69 -15.97
C SER B 130 8.31 10.63 -16.41
N VAL B 131 9.49 10.60 -15.80
CA VAL B 131 10.48 9.59 -16.16
C VAL B 131 9.96 8.25 -15.63
N GLY B 132 9.82 8.17 -14.31
CA GLY B 132 9.37 6.96 -13.65
C GLY B 132 8.35 6.24 -14.48
N VAL B 133 7.20 6.86 -14.71
CA VAL B 133 6.18 6.15 -15.44
C VAL B 133 6.64 5.61 -16.75
N ASN B 134 7.46 6.37 -17.45
CA ASN B 134 7.84 5.84 -18.73
C ASN B 134 8.66 4.61 -18.59
N VAL B 135 9.63 4.65 -17.70
CA VAL B 135 10.45 3.47 -17.44
C VAL B 135 9.52 2.30 -17.11
N MET B 136 8.63 2.55 -16.16
CA MET B 136 7.72 1.52 -15.73
C MET B 136 7.07 0.88 -16.94
N LEU B 137 6.53 1.76 -17.76
CA LEU B 137 5.84 1.35 -18.95
C LEU B 137 6.62 0.29 -19.70
N LYS B 138 7.93 0.43 -19.65
CA LYS B 138 8.81 -0.52 -20.31
C LYS B 138 8.92 -1.80 -19.51
N LEU B 139 9.33 -1.67 -18.24
CA LEU B 139 9.47 -2.79 -17.34
C LEU B 139 8.26 -3.67 -17.49
N LEU B 140 7.09 -3.04 -17.64
CA LEU B 140 5.88 -3.82 -17.79
C LEU B 140 5.97 -4.83 -18.93
N GLU B 141 6.39 -4.37 -20.11
CA GLU B 141 6.49 -5.25 -21.26
C GLU B 141 7.29 -6.42 -20.82
N LYS B 142 8.45 -6.14 -20.22
CA LYS B 142 9.29 -7.21 -19.76
C LYS B 142 8.49 -8.20 -18.88
N ALA B 143 7.94 -7.74 -17.77
CA ALA B 143 7.17 -8.64 -16.92
C ALA B 143 6.09 -9.42 -17.67
N ALA B 144 5.11 -8.72 -18.26
CA ALA B 144 4.04 -9.36 -19.00
C ALA B 144 4.59 -10.45 -19.91
N LYS B 145 5.76 -10.20 -20.47
CA LYS B 145 6.41 -11.17 -21.35
C LYS B 145 6.51 -12.54 -20.67
N VAL B 146 7.22 -12.56 -19.55
CA VAL B 146 7.45 -13.75 -18.77
C VAL B 146 6.25 -14.29 -18.00
N MET B 147 5.64 -13.45 -17.17
CA MET B 147 4.55 -13.89 -16.34
C MET B 147 3.23 -13.57 -16.82
N GLY B 148 3.17 -12.88 -17.94
CA GLY B 148 1.88 -12.49 -18.44
C GLY B 148 0.88 -13.60 -18.61
N ASP B 149 1.30 -14.63 -19.34
CA ASP B 149 0.42 -15.76 -19.65
C ASP B 149 -0.39 -16.44 -18.57
N TYR B 150 0.26 -16.77 -17.48
CA TYR B 150 -0.42 -17.47 -16.41
C TYR B 150 -0.93 -16.64 -15.22
N THR B 151 -0.44 -15.43 -15.03
CA THR B 151 -0.86 -14.65 -13.88
C THR B 151 -2.09 -13.81 -14.13
N ASP B 152 -2.67 -13.28 -13.06
CA ASP B 152 -3.81 -12.40 -13.17
C ASP B 152 -3.26 -11.01 -13.13
N ILE B 153 -3.75 -10.19 -14.04
CA ILE B 153 -3.27 -8.82 -14.14
C ILE B 153 -4.30 -7.81 -13.79
N GLU B 154 -3.90 -6.95 -12.87
CA GLU B 154 -4.80 -5.93 -12.42
C GLU B 154 -4.03 -4.66 -12.37
N ILE B 155 -4.75 -3.55 -12.61
CA ILE B 155 -4.17 -2.23 -12.59
C ILE B 155 -4.98 -1.35 -11.69
N ILE B 156 -4.28 -0.74 -10.76
CA ILE B 156 -4.96 0.14 -9.83
C ILE B 156 -4.33 1.51 -9.90
N GLU B 157 -5.19 2.53 -9.98
CA GLU B 157 -4.71 3.90 -10.01
C GLU B 157 -5.54 4.77 -9.09
N ALA B 158 -4.91 5.82 -8.60
CA ALA B 158 -5.62 6.73 -7.71
C ALA B 158 -5.18 8.16 -8.01
N HIS B 159 -6.13 9.07 -8.04
CA HIS B 159 -5.86 10.47 -8.32
C HIS B 159 -6.75 11.33 -7.53
N HIS B 160 -6.31 12.56 -7.32
CA HIS B 160 -7.05 13.60 -6.57
C HIS B 160 -8.54 13.65 -6.94
N ARG B 161 -9.34 14.22 -6.06
CA ARG B 161 -10.79 14.29 -6.30
C ARG B 161 -11.33 14.91 -7.58
N HIS B 162 -10.58 15.83 -8.16
CA HIS B 162 -11.00 16.56 -9.35
C HIS B 162 -10.86 15.88 -10.70
N LYS B 163 -10.03 14.85 -10.81
CA LYS B 163 -9.89 14.19 -12.12
C LYS B 163 -11.25 13.77 -12.68
N VAL B 164 -11.44 13.93 -13.97
CA VAL B 164 -12.75 13.59 -14.55
C VAL B 164 -12.82 12.42 -15.50
N ASP B 165 -11.68 11.85 -15.82
CA ASP B 165 -11.69 10.69 -16.71
C ASP B 165 -11.23 9.43 -15.93
N ALA B 166 -11.96 8.34 -16.09
CA ALA B 166 -11.63 7.09 -15.43
C ALA B 166 -11.58 5.99 -16.46
N PRO B 167 -10.52 5.20 -16.44
CA PRO B 167 -9.41 5.33 -15.50
C PRO B 167 -8.43 6.34 -16.06
N SER B 168 -7.34 6.56 -15.33
CA SER B 168 -6.31 7.48 -15.76
C SER B 168 -5.76 7.07 -17.12
N GLY B 169 -5.42 8.05 -17.96
CA GLY B 169 -4.90 7.71 -19.27
C GLY B 169 -3.61 6.94 -19.13
N THR B 170 -2.92 7.14 -18.02
CA THR B 170 -1.67 6.45 -17.78
C THR B 170 -1.98 4.96 -17.56
N ALA B 171 -3.06 4.71 -16.82
CA ALA B 171 -3.46 3.34 -16.54
C ALA B 171 -3.65 2.63 -17.88
N LEU B 172 -4.47 3.22 -18.73
CA LEU B 172 -4.74 2.62 -20.02
C LEU B 172 -3.47 2.42 -20.75
N ALA B 173 -2.54 3.35 -20.63
CA ALA B 173 -1.29 3.16 -21.35
C ALA B 173 -0.59 1.93 -20.83
N MET B 174 -0.68 1.70 -19.53
CA MET B 174 -0.07 0.53 -18.90
C MET B 174 -0.78 -0.67 -19.44
N GLY B 175 -2.11 -0.59 -19.45
CA GLY B 175 -2.90 -1.68 -20.00
C GLY B 175 -2.40 -2.06 -21.38
N GLU B 176 -2.27 -1.06 -22.24
CA GLU B 176 -1.79 -1.28 -23.58
C GLU B 176 -0.43 -1.92 -23.62
N ALA B 177 0.51 -1.38 -22.83
CA ALA B 177 1.87 -1.89 -22.80
C ALA B 177 1.83 -3.39 -22.64
N ILE B 178 1.09 -3.81 -21.62
CA ILE B 178 0.95 -5.23 -21.30
C ILE B 178 0.27 -5.97 -22.42
N ALA B 179 -0.96 -5.57 -22.73
CA ALA B 179 -1.72 -6.19 -23.79
C ALA B 179 -0.90 -6.51 -25.03
N HIS B 180 -0.20 -5.50 -25.56
CA HIS B 180 0.61 -5.71 -26.75
C HIS B 180 1.85 -6.56 -26.55
N ALA B 181 2.35 -6.65 -25.32
CA ALA B 181 3.53 -7.50 -25.07
C ALA B 181 3.03 -8.95 -25.10
N LEU B 182 1.71 -9.10 -25.04
CA LEU B 182 1.07 -10.41 -25.05
C LEU B 182 0.19 -10.61 -26.29
N ASP B 183 0.60 -10.06 -27.42
CA ASP B 183 -0.15 -10.23 -28.66
C ASP B 183 -1.69 -10.11 -28.57
N LYS B 184 -2.18 -9.38 -27.60
CA LYS B 184 -3.61 -9.20 -27.51
C LYS B 184 -3.96 -7.73 -27.43
N ASP B 185 -5.23 -7.39 -27.71
CA ASP B 185 -5.66 -6.01 -27.70
C ASP B 185 -6.53 -5.69 -26.49
N LEU B 186 -6.14 -4.65 -25.76
CA LEU B 186 -6.84 -4.26 -24.55
C LEU B 186 -8.36 -4.23 -24.64
N LYS B 187 -8.90 -3.84 -25.77
CA LYS B 187 -10.34 -3.74 -25.94
C LYS B 187 -11.02 -5.08 -25.65
N ASP B 188 -10.30 -6.13 -25.99
CA ASP B 188 -10.77 -7.48 -25.81
C ASP B 188 -10.89 -7.94 -24.36
N CYS B 189 -9.85 -7.68 -23.56
CA CYS B 189 -9.82 -8.13 -22.18
C CYS B 189 -9.82 -7.09 -21.07
N ALA B 190 -10.44 -5.95 -21.28
CA ALA B 190 -10.43 -4.97 -20.21
C ALA B 190 -11.67 -5.07 -19.36
N VAL B 191 -11.49 -4.96 -18.06
CA VAL B 191 -12.64 -4.97 -17.18
C VAL B 191 -12.48 -3.75 -16.30
N TYR B 192 -13.45 -2.86 -16.41
CA TYR B 192 -13.42 -1.63 -15.68
C TYR B 192 -14.22 -1.64 -14.41
N SER B 193 -15.29 -2.39 -14.42
CA SER B 193 -16.12 -2.44 -13.23
C SER B 193 -16.41 -3.85 -12.70
N ARG B 194 -16.46 -3.94 -11.36
CA ARG B 194 -16.74 -5.19 -10.65
C ARG B 194 -17.76 -4.79 -9.62
N GLU B 195 -19.03 -5.05 -9.94
CA GLU B 195 -20.11 -4.69 -9.05
C GLU B 195 -21.18 -5.77 -9.06
N GLY B 196 -21.40 -6.34 -7.88
CA GLY B 196 -22.38 -7.40 -7.66
C GLY B 196 -21.88 -8.82 -7.88
N HIS B 197 -22.82 -9.75 -7.91
CA HIS B 197 -22.44 -11.12 -8.15
C HIS B 197 -21.96 -11.22 -9.58
N THR B 198 -20.66 -11.45 -9.71
CA THR B 198 -20.04 -11.65 -11.01
C THR B 198 -19.16 -12.89 -10.79
N GLY B 199 -19.17 -13.82 -11.72
CA GLY B 199 -18.39 -15.03 -11.54
C GLY B 199 -16.91 -14.90 -11.31
N GLU B 200 -16.23 -16.04 -11.34
CA GLU B 200 -14.78 -16.05 -11.18
C GLU B 200 -14.19 -15.08 -12.16
N ARG B 201 -13.20 -14.31 -11.73
CA ARG B 201 -12.53 -13.36 -12.62
C ARG B 201 -12.23 -14.15 -13.90
N VAL B 202 -12.56 -13.57 -15.06
CA VAL B 202 -12.34 -14.20 -16.35
C VAL B 202 -10.83 -14.24 -16.61
N PRO B 203 -10.23 -15.43 -16.68
CA PRO B 203 -8.82 -15.74 -16.90
C PRO B 203 -7.98 -14.79 -17.70
N GLY B 204 -8.38 -14.46 -18.92
CA GLY B 204 -7.57 -13.55 -19.73
C GLY B 204 -7.47 -12.06 -19.36
N THR B 205 -8.43 -11.58 -18.57
CA THR B 205 -8.52 -10.20 -18.20
C THR B 205 -7.43 -9.40 -17.47
N ILE B 206 -7.58 -8.09 -17.65
CA ILE B 206 -6.77 -7.03 -17.05
C ILE B 206 -7.87 -6.16 -16.45
N GLY B 207 -7.85 -6.02 -15.14
CA GLY B 207 -8.90 -5.22 -14.55
C GLY B 207 -8.37 -3.92 -14.05
N PHE B 208 -9.29 -3.01 -13.79
CA PHE B 208 -8.93 -1.71 -13.31
C PHE B 208 -9.71 -1.34 -12.12
N ALA B 209 -9.04 -0.71 -11.19
CA ALA B 209 -9.69 -0.21 -9.99
C ALA B 209 -9.34 1.26 -9.95
N THR B 210 -10.34 2.11 -9.74
CA THR B 210 -10.10 3.54 -9.71
C THR B 210 -10.47 4.25 -8.44
N VAL B 211 -9.45 4.86 -7.84
CA VAL B 211 -9.65 5.63 -6.63
C VAL B 211 -9.51 7.11 -6.96
N ARG B 212 -10.46 7.86 -6.41
CA ARG B 212 -10.52 9.30 -6.60
C ARG B 212 -10.71 9.93 -5.27
N ALA B 213 -9.68 10.62 -4.85
CA ALA B 213 -9.77 11.25 -3.56
C ALA B 213 -8.62 12.22 -3.26
N GLY B 214 -8.98 13.28 -2.54
CA GLY B 214 -8.03 14.29 -2.11
C GLY B 214 -7.14 14.91 -3.14
N ASP B 215 -5.94 15.27 -2.71
CA ASP B 215 -5.00 15.92 -3.55
C ASP B 215 -4.03 14.95 -4.15
N ILE B 216 -4.45 13.73 -4.45
CA ILE B 216 -3.48 12.77 -4.96
C ILE B 216 -2.96 13.09 -6.32
N VAL B 217 -1.67 13.39 -6.39
CA VAL B 217 -1.11 13.72 -7.69
C VAL B 217 -1.29 12.54 -8.60
N GLY B 218 -0.82 11.38 -8.19
CA GLY B 218 -0.98 10.23 -9.05
C GLY B 218 -0.26 9.00 -8.57
N GLU B 219 -1.03 7.95 -8.35
CA GLU B 219 -0.43 6.70 -7.91
C GLU B 219 -0.95 5.59 -8.80
N HIS B 220 -0.01 4.82 -9.34
CA HIS B 220 -0.35 3.73 -10.23
C HIS B 220 0.33 2.42 -9.88
N THR B 221 -0.43 1.34 -9.92
CA THR B 221 0.10 0.04 -9.61
C THR B 221 -0.28 -0.98 -10.66
N ALA B 222 0.74 -1.72 -11.06
CA ALA B 222 0.61 -2.81 -11.99
C ALA B 222 0.80 -4.07 -11.14
N MET B 223 -0.17 -4.96 -11.19
CA MET B 223 -0.08 -6.19 -10.43
C MET B 223 -0.17 -7.47 -11.25
N PHE B 224 0.84 -8.31 -11.05
CA PHE B 224 0.93 -9.63 -11.68
C PHE B 224 0.80 -10.69 -10.55
N ALA B 225 -0.42 -11.22 -10.42
CA ALA B 225 -0.73 -12.17 -9.39
C ALA B 225 -0.84 -13.62 -9.81
N ASP B 226 -0.10 -14.46 -9.08
CA ASP B 226 -0.04 -15.91 -9.26
C ASP B 226 -0.45 -16.51 -7.90
N ILE B 227 -0.63 -17.84 -7.83
CA ILE B 227 -0.96 -18.42 -6.53
C ILE B 227 0.37 -18.65 -5.83
N GLY B 228 0.57 -17.98 -4.71
CA GLY B 228 1.82 -18.18 -4.01
C GLY B 228 2.69 -16.95 -4.07
N GLU B 229 2.48 -16.10 -5.08
CA GLU B 229 3.30 -14.90 -5.19
C GLU B 229 2.66 -13.92 -6.15
N ARG B 230 3.08 -12.66 -6.04
CA ARG B 230 2.62 -11.59 -6.92
C ARG B 230 3.67 -10.53 -6.98
N LEU B 231 3.81 -9.95 -8.18
CA LEU B 231 4.76 -8.81 -8.44
C LEU B 231 3.95 -7.55 -8.65
N GLU B 232 4.36 -6.49 -7.98
CA GLU B 232 3.65 -5.21 -8.07
C GLU B 232 4.65 -4.18 -8.43
N ILE B 233 4.34 -3.45 -9.49
CA ILE B 233 5.21 -2.37 -9.90
C ILE B 233 4.39 -1.14 -9.66
N THR B 234 4.99 -0.22 -8.94
CA THR B 234 4.23 0.95 -8.60
C THR B 234 4.93 2.26 -8.75
N HIS B 235 4.21 3.23 -9.31
CA HIS B 235 4.73 4.59 -9.47
C HIS B 235 3.90 5.60 -8.67
N LYS B 236 4.59 6.53 -8.02
CA LYS B 236 3.93 7.56 -7.24
C LYS B 236 4.47 8.95 -7.61
N ALA B 237 3.58 9.86 -7.99
CA ALA B 237 4.02 11.20 -8.35
C ALA B 237 3.69 12.08 -7.20
N SER B 238 4.70 12.73 -6.66
CA SER B 238 4.51 13.61 -5.52
C SER B 238 4.20 15.07 -5.84
N SER B 239 4.59 15.54 -7.03
CA SER B 239 4.29 16.93 -7.40
C SER B 239 4.15 17.09 -8.89
N ARG B 240 3.17 17.89 -9.29
CA ARG B 240 2.87 18.10 -10.69
C ARG B 240 4.03 18.67 -11.49
N MET B 241 5.02 19.19 -10.79
CA MET B 241 6.18 19.75 -11.45
C MET B 241 6.91 18.73 -12.34
N THR B 242 6.86 17.47 -11.98
CA THR B 242 7.56 16.48 -12.73
C THR B 242 7.04 16.33 -14.13
N PHE B 243 5.73 16.46 -14.30
CA PHE B 243 5.13 16.34 -15.65
C PHE B 243 5.46 17.61 -16.42
N ALA B 244 5.50 18.72 -15.70
CA ALA B 244 5.80 19.99 -16.31
C ALA B 244 7.18 19.94 -16.98
N ASN B 245 8.21 19.70 -16.18
CA ASN B 245 9.55 19.64 -16.72
C ASN B 245 9.59 18.61 -17.81
N GLY B 246 8.76 17.60 -17.67
CA GLY B 246 8.71 16.57 -18.69
C GLY B 246 8.25 17.12 -20.02
N ALA B 247 7.12 17.83 -20.02
CA ALA B 247 6.54 18.41 -21.23
C ALA B 247 7.44 19.48 -21.86
N VAL B 248 7.98 20.36 -21.03
CA VAL B 248 8.86 21.41 -21.52
C VAL B 248 10.03 20.76 -22.29
N ARG B 249 10.79 19.92 -21.62
CA ARG B 249 11.89 19.30 -22.33
C ARG B 249 11.41 18.51 -23.51
N SER B 250 10.12 18.16 -23.54
CA SER B 250 9.60 17.43 -24.70
C SER B 250 9.75 18.43 -25.81
N ALA B 251 8.90 19.45 -25.71
CA ALA B 251 8.83 20.55 -26.64
C ALA B 251 10.22 20.93 -27.05
N LEU B 252 11.01 21.24 -26.03
CA LEU B 252 12.37 21.64 -26.26
C LEU B 252 13.00 20.69 -27.22
N TRP B 253 13.15 19.44 -26.83
CA TRP B 253 13.79 18.46 -27.71
C TRP B 253 13.15 18.32 -29.10
N LEU B 254 11.83 18.45 -29.18
CA LEU B 254 11.06 18.35 -30.43
C LEU B 254 11.44 19.35 -31.52
N SER B 255 12.29 20.33 -31.21
CA SER B 255 12.71 21.36 -32.19
C SER B 255 13.56 20.79 -33.32
N GLY B 256 13.10 21.01 -34.55
CA GLY B 256 13.89 20.55 -35.68
C GLY B 256 13.34 19.36 -36.45
N LYS B 257 12.55 18.52 -35.80
CA LYS B 257 11.99 17.37 -36.50
C LYS B 257 11.02 17.87 -37.58
N GLU B 258 11.03 17.26 -38.77
CA GLU B 258 10.12 17.69 -39.82
C GLU B 258 8.70 17.40 -39.35
N SER B 259 8.46 16.14 -38.96
CA SER B 259 7.16 15.75 -38.47
C SER B 259 7.05 14.34 -38.02
N GLY B 260 5.94 14.09 -37.35
CA GLY B 260 5.61 12.77 -36.81
C GLY B 260 5.04 12.87 -35.41
N LEU B 261 4.22 11.89 -35.02
CA LEU B 261 3.57 11.80 -33.69
C LEU B 261 4.53 11.01 -32.81
N PHE B 262 4.73 11.41 -31.55
CA PHE B 262 5.68 10.66 -30.69
C PHE B 262 5.31 10.51 -29.19
N ASP B 263 5.76 9.43 -28.56
CA ASP B 263 5.44 9.16 -27.16
C ASP B 263 6.61 9.54 -26.27
N MET B 264 6.33 9.83 -25.00
CA MET B 264 7.40 10.23 -24.09
C MET B 264 8.64 9.33 -24.12
N ARG B 265 8.44 8.09 -24.58
CA ARG B 265 9.47 7.02 -24.68
C ARG B 265 10.62 7.41 -25.60
N ASP B 266 10.24 7.83 -26.80
CA ASP B 266 11.18 8.26 -27.85
C ASP B 266 12.05 9.40 -27.30
N VAL B 267 11.38 10.46 -26.84
CA VAL B 267 12.04 11.63 -26.25
C VAL B 267 13.11 11.13 -25.27
N LEU B 268 12.67 10.32 -24.31
CA LEU B 268 13.51 9.79 -23.26
C LEU B 268 14.53 8.79 -23.71
N ASP B 269 14.30 8.24 -24.89
CA ASP B 269 15.17 7.24 -25.51
C ASP B 269 15.22 6.04 -24.56
N LEU B 270 14.24 5.17 -24.78
CA LEU B 270 14.06 3.97 -23.97
C LEU B 270 13.57 2.87 -24.88
N ASN B 271 13.04 3.25 -26.04
CA ASN B 271 12.49 2.28 -26.99
C ASN B 271 13.40 1.08 -27.12
N ASN B 272 14.70 1.33 -26.98
CA ASN B 272 15.70 0.28 -27.00
C ASN B 272 15.87 0.10 -25.50
N LEU B 273 15.73 -1.14 -25.03
CA LEU B 273 15.87 -1.46 -23.60
C LEU B 273 17.15 -0.98 -22.90
N ASP C 3 12.73 -44.69 -18.57
CA ASP C 3 11.45 -44.48 -17.83
C ASP C 3 11.57 -43.50 -16.62
N ALA C 4 11.96 -44.03 -15.46
CA ALA C 4 12.11 -43.29 -14.17
C ALA C 4 12.60 -41.80 -14.08
N ASN C 5 13.26 -41.45 -12.95
CA ASN C 5 13.73 -40.08 -12.71
C ASN C 5 14.51 -39.93 -11.40
N ILE C 6 15.15 -38.76 -11.24
CA ILE C 6 15.99 -38.42 -10.09
C ILE C 6 15.43 -38.41 -8.66
N ARG C 7 16.35 -38.72 -7.73
CA ARG C 7 16.12 -38.82 -6.30
C ARG C 7 16.71 -37.63 -5.57
N VAL C 8 15.98 -37.11 -4.59
CA VAL C 8 16.42 -35.91 -3.87
C VAL C 8 16.68 -36.00 -2.39
N ALA C 9 17.82 -35.54 -1.94
CA ALA C 9 18.13 -35.55 -0.52
C ALA C 9 17.58 -34.28 0.04
N ILE C 10 16.84 -34.36 1.13
CA ILE C 10 16.28 -33.16 1.70
C ILE C 10 16.83 -32.87 3.07
N ALA C 11 17.82 -31.98 3.10
CA ALA C 11 18.45 -31.58 4.35
C ALA C 11 17.45 -30.94 5.33
N GLY C 12 17.76 -31.04 6.62
CA GLY C 12 16.92 -30.50 7.67
C GLY C 12 15.44 -30.69 7.39
N ALA C 13 15.01 -31.91 7.14
CA ALA C 13 13.61 -32.16 6.82
C ALA C 13 12.57 -31.72 7.88
N GLY C 14 13.03 -31.36 9.07
CA GLY C 14 12.10 -30.95 10.13
C GLY C 14 11.60 -29.54 9.93
N GLY C 15 12.55 -28.65 9.61
CA GLY C 15 12.30 -27.23 9.38
C GLY C 15 11.14 -26.91 8.46
N ARG C 16 10.62 -25.68 8.57
CA ARG C 16 9.48 -25.27 7.74
C ARG C 16 9.75 -25.41 6.27
N MET C 17 10.99 -25.23 5.84
CA MET C 17 11.24 -25.44 4.43
C MET C 17 11.31 -26.93 4.12
N GLY C 18 11.75 -27.72 5.09
CA GLY C 18 11.84 -29.16 4.89
C GLY C 18 10.47 -29.71 4.59
N ARG C 19 9.54 -29.47 5.51
CA ARG C 19 8.19 -29.95 5.37
C ARG C 19 7.58 -29.52 4.04
N GLN C 20 8.02 -28.38 3.50
CA GLN C 20 7.49 -27.88 2.22
C GLN C 20 8.12 -28.62 1.08
N LEU C 21 9.46 -28.71 1.17
CA LEU C 21 10.27 -29.38 0.17
C LEU C 21 9.83 -30.84 -0.01
N ILE C 22 9.59 -31.51 1.12
CA ILE C 22 9.21 -32.90 1.08
C ILE C 22 7.93 -33.09 0.29
N GLN C 23 6.86 -32.46 0.73
CA GLN C 23 5.66 -32.69 0.02
C GLN C 23 5.80 -32.20 -1.38
N ALA C 24 6.75 -31.28 -1.56
CA ALA C 24 6.95 -30.71 -2.88
C ALA C 24 7.40 -31.85 -3.78
N ALA C 25 8.50 -32.48 -3.38
CA ALA C 25 9.07 -33.59 -4.15
C ALA C 25 8.06 -34.74 -4.37
N LEU C 26 7.26 -35.01 -3.35
CA LEU C 26 6.28 -36.05 -3.44
C LEU C 26 5.30 -35.80 -4.55
N ALA C 27 4.62 -34.67 -4.50
CA ALA C 27 3.61 -34.35 -5.52
C ALA C 27 4.10 -33.98 -6.94
N LEU C 28 5.42 -34.01 -7.18
CA LEU C 28 5.90 -33.63 -8.50
C LEU C 28 6.61 -34.66 -9.35
N GLU C 29 6.17 -34.70 -10.61
CA GLU C 29 6.70 -35.64 -11.60
C GLU C 29 8.20 -35.54 -11.70
N GLY C 30 8.82 -36.56 -12.27
CA GLY C 30 10.27 -36.53 -12.40
C GLY C 30 11.08 -36.60 -11.12
N VAL C 31 10.45 -36.71 -9.95
CA VAL C 31 11.25 -36.79 -8.72
C VAL C 31 10.79 -37.73 -7.62
N GLN C 32 11.76 -38.47 -7.11
CA GLN C 32 11.50 -39.39 -6.04
C GLN C 32 12.25 -38.91 -4.80
N LEU C 33 11.51 -38.88 -3.69
CA LEU C 33 12.02 -38.44 -2.39
C LEU C 33 13.15 -39.38 -2.05
N GLY C 34 14.37 -38.93 -2.28
CA GLY C 34 15.49 -39.80 -1.99
C GLY C 34 15.72 -40.03 -0.52
N ALA C 35 16.05 -38.96 0.19
CA ALA C 35 16.33 -39.05 1.60
C ALA C 35 15.77 -37.87 2.33
N ALA C 36 15.98 -37.88 3.62
CA ALA C 36 15.52 -36.84 4.49
C ALA C 36 16.59 -36.82 5.54
N LEU C 37 16.95 -35.65 6.04
CA LEU C 37 17.98 -35.58 7.07
C LEU C 37 17.63 -34.72 8.22
N GLU C 38 18.48 -34.75 9.23
CA GLU C 38 18.21 -33.94 10.38
C GLU C 38 19.40 -33.87 11.30
N ARG C 39 19.32 -33.06 12.34
CA ARG C 39 20.43 -32.97 13.26
C ARG C 39 20.47 -34.23 14.12
N GLU C 40 21.26 -34.22 15.19
CA GLU C 40 21.32 -35.38 16.09
C GLU C 40 20.28 -35.25 17.22
N GLY C 41 20.10 -34.04 17.74
CA GLY C 41 19.14 -33.86 18.82
C GLY C 41 17.68 -33.99 18.39
N SER C 42 17.45 -34.00 17.08
CA SER C 42 16.11 -34.09 16.55
C SER C 42 15.34 -35.21 17.20
N SER C 43 14.22 -34.85 17.78
CA SER C 43 13.36 -35.85 18.39
C SER C 43 12.63 -36.55 17.24
N LEU C 44 13.15 -36.44 16.02
CA LEU C 44 12.46 -37.11 14.96
C LEU C 44 13.27 -37.97 13.99
N LEU C 45 14.52 -38.27 14.31
CA LEU C 45 15.27 -39.16 13.42
C LEU C 45 14.44 -40.47 13.34
N GLY C 46 14.50 -41.13 12.20
CA GLY C 46 13.77 -42.38 12.05
C GLY C 46 12.29 -42.18 11.79
N SER C 47 11.79 -40.95 11.90
CA SER C 47 10.37 -40.68 11.64
C SER C 47 10.12 -40.92 10.17
N ASP C 48 8.93 -41.35 9.79
CA ASP C 48 8.73 -41.56 8.37
C ASP C 48 8.56 -40.20 7.73
N ALA C 49 9.29 -39.98 6.64
CA ALA C 49 9.27 -38.74 5.88
C ALA C 49 7.88 -38.16 5.68
N GLY C 50 7.14 -38.73 4.72
CA GLY C 50 5.79 -38.26 4.36
C GLY C 50 4.74 -38.03 5.42
N GLU C 51 4.78 -38.81 6.50
CA GLU C 51 3.81 -38.65 7.57
C GLU C 51 4.21 -37.42 8.38
N LEU C 52 5.50 -37.10 8.31
CA LEU C 52 6.04 -35.94 9.01
C LEU C 52 5.41 -34.73 8.33
N ALA C 53 5.38 -34.80 6.99
CA ALA C 53 4.83 -33.76 6.12
C ALA C 53 3.39 -34.02 5.71
N GLY C 54 2.71 -34.87 6.47
CA GLY C 54 1.31 -35.17 6.19
C GLY C 54 1.00 -36.17 5.10
N ALA C 55 1.74 -36.13 4.01
CA ALA C 55 1.48 -37.04 2.90
C ALA C 55 1.80 -38.52 3.17
N GLY C 56 1.21 -39.07 4.24
CA GLY C 56 1.37 -40.48 4.60
C GLY C 56 2.76 -41.09 4.73
N LYS C 57 2.82 -42.40 4.95
CA LYS C 57 4.10 -43.05 5.05
C LYS C 57 4.68 -43.17 3.65
N THR C 58 6.02 -43.09 3.54
CA THR C 58 6.73 -43.17 2.26
C THR C 58 7.70 -44.30 2.27
N GLY C 59 8.42 -44.39 3.38
CA GLY C 59 9.44 -45.41 3.52
C GLY C 59 10.79 -44.74 3.72
N VAL C 60 10.86 -43.43 3.52
CA VAL C 60 12.12 -42.73 3.72
C VAL C 60 12.14 -42.30 5.16
N THR C 61 13.31 -42.40 5.78
CA THR C 61 13.42 -42.07 7.20
C THR C 61 14.53 -41.06 7.51
N VAL C 62 14.20 -40.04 8.29
CA VAL C 62 15.21 -39.05 8.61
C VAL C 62 16.29 -39.72 9.40
N GLN C 63 17.52 -39.32 9.15
CA GLN C 63 18.64 -39.90 9.86
C GLN C 63 19.73 -38.91 9.78
N SER C 64 20.61 -38.94 10.75
CA SER C 64 21.67 -37.97 10.81
C SER C 64 22.94 -38.34 10.09
N SER C 65 22.83 -39.02 8.96
CA SER C 65 24.06 -39.36 8.27
C SER C 65 24.06 -39.30 6.77
N LEU C 66 25.11 -38.67 6.25
CA LEU C 66 25.27 -38.54 4.83
C LEU C 66 25.48 -39.91 4.22
N ASP C 67 26.60 -40.54 4.54
CA ASP C 67 26.88 -41.86 3.98
C ASP C 67 25.78 -42.88 4.24
N ALA C 68 25.10 -42.79 5.38
CA ALA C 68 24.01 -43.72 5.66
C ALA C 68 22.96 -43.79 4.53
N VAL C 69 22.85 -42.73 3.74
CA VAL C 69 21.88 -42.67 2.65
C VAL C 69 22.55 -42.24 1.36
N LYS C 70 23.87 -42.14 1.42
CA LYS C 70 24.67 -41.70 0.31
C LYS C 70 24.33 -42.25 -1.08
N ASP C 71 23.57 -43.32 -1.16
CA ASP C 71 23.23 -43.86 -2.48
C ASP C 71 21.75 -43.72 -2.74
N ASP C 72 21.07 -43.00 -1.84
CA ASP C 72 19.65 -42.80 -1.90
C ASP C 72 19.15 -41.60 -2.68
N PHE C 73 20.07 -40.80 -3.21
CA PHE C 73 19.69 -39.60 -3.98
C PHE C 73 20.72 -39.25 -5.04
N ASP C 74 20.39 -38.23 -5.84
CA ASP C 74 21.27 -37.75 -6.90
C ASP C 74 21.61 -36.30 -6.59
N VAL C 75 20.57 -35.56 -6.25
CA VAL C 75 20.69 -34.14 -5.95
C VAL C 75 20.35 -33.85 -4.51
N PHE C 76 21.21 -33.05 -3.92
CA PHE C 76 21.05 -32.64 -2.57
C PHE C 76 20.46 -31.23 -2.50
N ILE C 77 19.28 -31.11 -1.90
CA ILE C 77 18.60 -29.85 -1.76
C ILE C 77 18.80 -29.30 -0.38
N ASP C 78 19.56 -28.24 -0.28
CA ASP C 78 19.84 -27.67 1.02
C ASP C 78 19.20 -26.34 1.35
N PHE C 79 18.42 -26.35 2.44
CA PHE C 79 17.75 -25.15 2.93
C PHE C 79 17.83 -25.19 4.45
N THR C 80 19.04 -25.31 4.95
CA THR C 80 19.24 -25.36 6.39
C THR C 80 19.85 -24.03 6.84
N ARG C 81 21.06 -24.08 7.37
CA ARG C 81 21.81 -22.92 7.81
C ARG C 81 23.20 -23.11 7.26
N PRO C 82 23.93 -22.00 6.99
CA PRO C 82 25.28 -22.00 6.45
C PRO C 82 26.23 -23.08 6.97
N GLU C 83 26.53 -23.04 8.26
CA GLU C 83 27.42 -24.01 8.89
C GLU C 83 27.05 -25.41 8.42
N GLY C 84 25.81 -25.79 8.70
CA GLY C 84 25.34 -27.09 8.26
C GLY C 84 25.65 -27.27 6.79
N THR C 85 25.03 -26.44 5.95
CA THR C 85 25.22 -26.50 4.50
C THR C 85 26.67 -26.70 4.07
N LEU C 86 27.60 -26.17 4.87
CA LEU C 86 29.01 -26.27 4.59
C LEU C 86 29.45 -27.72 4.46
N ASN C 87 29.15 -28.53 5.46
CA ASN C 87 29.52 -29.94 5.37
C ASN C 87 28.80 -30.56 4.17
N HIS C 88 27.48 -30.38 4.13
CA HIS C 88 26.67 -30.90 3.02
C HIS C 88 27.46 -30.55 1.80
N LEU C 89 28.10 -29.39 1.87
CA LEU C 89 28.89 -28.87 0.80
C LEU C 89 30.07 -29.81 0.58
N ALA C 90 30.93 -29.85 1.60
CA ALA C 90 32.13 -30.69 1.62
C ALA C 90 31.80 -32.07 1.05
N PHE C 91 31.20 -32.90 1.90
CA PHE C 91 30.80 -34.26 1.56
C PHE C 91 30.30 -34.44 0.12
N CYS C 92 29.23 -33.72 -0.24
CA CYS C 92 28.60 -33.79 -1.57
C CYS C 92 29.60 -33.69 -2.65
N ARG C 93 30.70 -33.02 -2.32
CA ARG C 93 31.82 -32.84 -3.23
C ARG C 93 32.51 -34.19 -3.40
N GLN C 94 33.20 -34.61 -2.34
CA GLN C 94 33.97 -35.85 -2.30
C GLN C 94 33.26 -36.89 -3.12
N HIS C 95 32.04 -37.13 -2.69
CA HIS C 95 31.19 -38.12 -3.30
C HIS C 95 30.54 -37.56 -4.57
N GLY C 96 30.68 -36.27 -4.79
CA GLY C 96 30.15 -35.65 -6.00
C GLY C 96 28.68 -35.74 -6.35
N LYS C 97 27.81 -35.09 -5.59
CA LYS C 97 26.38 -35.07 -5.91
C LYS C 97 25.99 -33.61 -6.12
N GLY C 98 25.14 -33.39 -7.11
CA GLY C 98 24.69 -32.06 -7.41
C GLY C 98 23.85 -31.43 -6.30
N MET C 99 24.20 -30.20 -5.92
CA MET C 99 23.49 -29.46 -4.89
C MET C 99 22.52 -28.39 -5.40
N VAL C 100 21.63 -27.98 -4.52
CA VAL C 100 20.67 -26.91 -4.78
C VAL C 100 20.55 -26.23 -3.44
N ILE C 101 21.28 -25.13 -3.27
CA ILE C 101 21.27 -24.38 -2.03
C ILE C 101 20.39 -23.15 -2.04
N GLY C 102 19.56 -23.07 -1.01
CA GLY C 102 18.64 -21.96 -0.84
C GLY C 102 18.86 -21.38 0.54
N THR C 103 19.84 -21.91 1.27
CA THR C 103 20.15 -21.40 2.61
C THR C 103 20.71 -19.96 2.44
N THR C 104 20.50 -19.06 3.41
CA THR C 104 21.01 -17.69 3.29
C THR C 104 21.85 -17.29 4.48
N GLY C 105 22.57 -16.19 4.35
CA GLY C 105 23.36 -15.69 5.44
C GLY C 105 24.80 -16.09 5.43
N PHE C 106 25.30 -16.45 4.25
CA PHE C 106 26.70 -16.85 4.14
C PHE C 106 27.72 -15.72 4.28
N ASP C 107 28.77 -15.94 5.06
CA ASP C 107 29.84 -14.94 5.17
C ASP C 107 30.63 -15.09 3.88
N GLU C 108 31.26 -14.02 3.44
CA GLU C 108 32.06 -14.01 2.20
C GLU C 108 32.94 -15.26 1.96
N ALA C 109 33.39 -15.90 3.04
CA ALA C 109 34.25 -17.08 2.96
C ALA C 109 33.44 -18.28 2.50
N GLY C 110 32.33 -18.56 3.19
CA GLY C 110 31.47 -19.66 2.83
C GLY C 110 31.14 -19.52 1.35
N LYS C 111 30.79 -18.30 0.98
CA LYS C 111 30.45 -18.00 -0.40
C LYS C 111 31.56 -18.49 -1.33
N GLN C 112 32.79 -18.39 -0.84
CA GLN C 112 33.94 -18.83 -1.61
C GLN C 112 33.97 -20.34 -1.75
N ALA C 113 33.72 -21.03 -0.63
CA ALA C 113 33.70 -22.49 -0.61
C ALA C 113 32.73 -22.97 -1.67
N ILE C 114 31.51 -22.45 -1.66
CA ILE C 114 30.52 -22.86 -2.66
C ILE C 114 31.14 -22.64 -4.01
N ARG C 115 31.74 -21.47 -4.12
CA ARG C 115 32.39 -21.02 -5.33
C ARG C 115 33.42 -22.09 -5.76
N ASP C 116 34.20 -22.59 -4.80
CA ASP C 116 35.20 -23.61 -5.08
C ASP C 116 34.54 -24.89 -5.55
N ALA C 117 33.76 -25.50 -4.66
CA ALA C 117 33.06 -26.74 -4.92
C ALA C 117 32.43 -26.85 -6.30
N ALA C 118 32.00 -25.73 -6.86
CA ALA C 118 31.39 -25.77 -8.18
C ALA C 118 32.32 -26.28 -9.25
N ALA C 119 33.61 -26.38 -8.91
CA ALA C 119 34.63 -26.85 -9.84
C ALA C 119 34.37 -28.22 -10.47
N ASP C 120 33.79 -29.13 -9.68
CA ASP C 120 33.51 -30.50 -10.14
C ASP C 120 32.04 -30.94 -10.06
N ILE C 121 31.32 -30.36 -9.10
CA ILE C 121 29.90 -30.64 -8.91
C ILE C 121 29.09 -29.43 -9.33
N ALA C 122 27.81 -29.65 -9.58
CA ALA C 122 26.95 -28.56 -9.99
C ALA C 122 26.07 -28.11 -8.84
N ILE C 123 26.12 -26.81 -8.60
CA ILE C 123 25.32 -26.21 -7.56
C ILE C 123 24.39 -25.15 -8.14
N VAL C 124 23.24 -25.02 -7.52
CA VAL C 124 22.31 -23.99 -7.89
C VAL C 124 22.17 -23.26 -6.59
N PHE C 125 22.91 -22.19 -6.51
CA PHE C 125 22.89 -21.39 -5.32
C PHE C 125 22.15 -20.10 -5.61
N ALA C 126 21.02 -19.92 -4.94
CA ALA C 126 20.19 -18.74 -5.12
C ALA C 126 19.74 -18.24 -3.77
N ALA C 127 19.44 -16.95 -3.67
CA ALA C 127 18.99 -16.37 -2.41
C ALA C 127 17.48 -16.42 -2.32
N ASN C 128 16.84 -16.74 -3.44
CA ASN C 128 15.40 -16.80 -3.50
C ASN C 128 15.04 -17.75 -4.63
N PHE C 129 14.08 -18.63 -4.38
CA PHE C 129 13.69 -19.57 -5.39
C PHE C 129 12.34 -19.38 -6.01
N SER C 130 11.88 -18.13 -6.08
CA SER C 130 10.58 -17.85 -6.71
C SER C 130 10.80 -17.25 -8.08
N VAL C 131 9.76 -17.25 -8.90
CA VAL C 131 9.87 -16.68 -10.21
C VAL C 131 9.93 -15.17 -10.03
N GLY C 132 8.83 -14.63 -9.51
CA GLY C 132 8.70 -13.21 -9.30
C GLY C 132 10.01 -12.60 -8.93
N VAL C 133 10.56 -12.99 -7.79
CA VAL C 133 11.80 -12.36 -7.37
C VAL C 133 12.89 -12.39 -8.40
N ASN C 134 12.99 -13.50 -9.10
CA ASN C 134 14.05 -13.52 -10.05
C ASN C 134 13.82 -12.50 -11.14
N VAL C 135 12.60 -12.50 -11.67
CA VAL C 135 12.22 -11.52 -12.68
C VAL C 135 12.55 -10.12 -12.15
N MET C 136 12.03 -9.82 -10.96
CA MET C 136 12.27 -8.54 -10.35
C MET C 136 13.74 -8.25 -10.36
N LEU C 137 14.52 -9.20 -9.89
CA LEU C 137 15.95 -9.04 -9.84
C LEU C 137 16.53 -8.45 -11.13
N LYS C 138 15.92 -8.86 -12.24
CA LYS C 138 16.31 -8.40 -13.56
C LYS C 138 15.80 -6.98 -13.79
N LEU C 139 14.48 -6.78 -13.64
CA LEU C 139 13.86 -5.47 -13.81
C LEU C 139 14.64 -4.44 -13.04
N LEU C 140 15.17 -4.82 -11.89
CA LEU C 140 15.97 -3.87 -11.14
C LEU C 140 17.14 -3.34 -11.94
N GLU C 141 17.92 -4.24 -12.56
CA GLU C 141 19.06 -3.80 -13.36
C GLU C 141 18.61 -2.72 -14.32
N LYS C 142 17.56 -3.02 -15.06
CA LYS C 142 16.99 -2.07 -16.00
C LYS C 142 16.74 -0.74 -15.28
N ALA C 143 15.94 -0.71 -14.24
CA ALA C 143 15.69 0.56 -13.57
C ALA C 143 16.98 1.26 -13.13
N ALA C 144 17.75 0.63 -12.27
CA ALA C 144 18.96 1.23 -11.78
C ALA C 144 19.73 1.85 -12.93
N LYS C 145 19.68 1.19 -14.07
CA LYS C 145 20.40 1.66 -15.26
C LYS C 145 20.03 3.12 -15.54
N VAL C 146 18.75 3.31 -15.82
CA VAL C 146 18.21 4.62 -16.13
C VAL C 146 18.16 5.61 -14.98
N MET C 147 17.52 5.22 -13.88
CA MET C 147 17.31 6.11 -12.74
C MET C 147 18.25 5.95 -11.63
N GLY C 148 19.15 5.01 -11.77
CA GLY C 148 20.03 4.78 -10.66
C GLY C 148 20.79 5.99 -10.19
N ASP C 149 21.51 6.59 -11.13
CA ASP C 149 22.37 7.71 -10.84
C ASP C 149 21.90 8.84 -9.97
N TYR C 150 20.73 9.37 -10.29
CA TYR C 150 20.21 10.50 -9.56
C TYR C 150 19.21 10.26 -8.43
N THR C 151 18.58 9.08 -8.40
CA THR C 151 17.58 8.80 -7.38
C THR C 151 18.16 8.24 -6.10
N ASP C 152 17.34 8.22 -5.06
CA ASP C 152 17.73 7.61 -3.81
C ASP C 152 17.20 6.19 -3.84
N ILE C 153 18.06 5.25 -3.47
CA ILE C 153 17.69 3.85 -3.49
C ILE C 153 17.58 3.24 -2.12
N GLU C 154 16.42 2.68 -1.87
CA GLU C 154 16.16 2.08 -0.59
C GLU C 154 15.54 0.72 -0.84
N ILE C 155 15.84 -0.20 0.05
CA ILE C 155 15.28 -1.54 -0.02
C ILE C 155 14.65 -1.89 1.31
N ILE C 156 13.42 -2.31 1.22
CA ILE C 156 12.69 -2.67 2.41
C ILE C 156 12.22 -4.09 2.28
N GLU C 157 12.45 -4.87 3.33
CA GLU C 157 12.02 -6.25 3.36
C GLU C 157 11.39 -6.59 4.69
N ALA C 158 10.46 -7.53 4.64
CA ALA C 158 9.80 -7.96 5.85
C ALA C 158 9.57 -9.45 5.81
N HIS C 159 9.82 -10.08 6.94
CA HIS C 159 9.68 -11.53 7.08
C HIS C 159 9.14 -11.90 8.44
N HIS C 160 8.54 -13.08 8.53
CA HIS C 160 7.99 -13.63 9.78
C HIS C 160 8.95 -13.49 10.97
N ARG C 161 8.40 -13.51 12.18
CA ARG C 161 9.20 -13.36 13.39
C ARG C 161 10.40 -14.25 13.64
N HIS C 162 10.41 -15.45 13.05
CA HIS C 162 11.49 -16.41 13.28
C HIS C 162 12.76 -16.23 12.43
N LYS C 163 12.73 -15.47 11.34
CA LYS C 163 13.95 -15.31 10.53
C LYS C 163 15.10 -14.79 11.40
N VAL C 164 16.30 -15.31 11.21
CA VAL C 164 17.41 -14.87 12.05
C VAL C 164 18.53 -14.09 11.42
N ASP C 165 18.50 -13.94 10.11
CA ASP C 165 19.53 -13.16 9.43
C ASP C 165 18.87 -11.86 8.89
N ALA C 166 19.54 -10.73 9.10
CA ALA C 166 19.07 -9.41 8.62
C ALA C 166 20.18 -8.71 7.83
N PRO C 167 19.86 -8.22 6.65
CA PRO C 167 18.57 -8.27 6.01
C PRO C 167 18.44 -9.58 5.24
N SER C 168 17.29 -9.80 4.63
CA SER C 168 17.05 -11.01 3.89
C SER C 168 18.12 -11.21 2.83
N GLY C 169 18.51 -12.45 2.59
CA GLY C 169 19.51 -12.71 1.57
C GLY C 169 19.00 -12.23 0.22
N THR C 170 17.69 -12.21 0.06
CA THR C 170 17.10 -11.74 -1.16
C THR C 170 17.35 -10.23 -1.29
N ALA C 171 17.15 -9.52 -0.19
CA ALA C 171 17.36 -8.09 -0.15
C ALA C 171 18.76 -7.81 -0.67
N LEU C 172 19.74 -8.45 -0.05
CA LEU C 172 21.11 -8.29 -0.46
C LEU C 172 21.27 -8.61 -1.94
N ALA C 173 20.57 -9.63 -2.41
CA ALA C 173 20.68 -9.95 -3.84
C ALA C 173 20.18 -8.78 -4.67
N MET C 174 19.11 -8.12 -4.20
CA MET C 174 18.56 -6.96 -4.90
C MET C 174 19.60 -5.87 -4.85
N GLY C 175 20.18 -5.67 -3.66
CA GLY C 175 21.18 -4.64 -3.51
C GLY C 175 22.26 -4.86 -4.55
N GLU C 176 22.78 -6.08 -4.61
CA GLU C 176 23.82 -6.42 -5.57
C GLU C 176 23.40 -6.15 -7.01
N ALA C 177 22.20 -6.60 -7.38
CA ALA C 177 21.72 -6.41 -8.73
C ALA C 177 21.87 -4.92 -9.13
N ILE C 178 21.37 -4.04 -8.27
CA ILE C 178 21.42 -2.61 -8.48
C ILE C 178 22.86 -2.14 -8.52
N ALA C 179 23.57 -2.31 -7.42
CA ALA C 179 24.96 -1.93 -7.32
C ALA C 179 25.76 -2.24 -8.59
N HIS C 180 25.73 -3.48 -9.04
CA HIS C 180 26.48 -3.86 -10.22
C HIS C 180 25.96 -3.28 -11.52
N ALA C 181 24.69 -2.91 -11.56
CA ALA C 181 24.16 -2.29 -12.79
C ALA C 181 24.68 -0.84 -12.86
N LEU C 182 25.23 -0.40 -11.73
CA LEU C 182 25.79 0.95 -11.61
C LEU C 182 27.29 0.95 -11.33
N ASP C 183 27.98 -0.03 -11.85
CA ASP C 183 29.42 -0.11 -11.69
C ASP C 183 29.99 0.15 -10.30
N LYS C 184 29.18 -0.11 -9.26
CA LYS C 184 29.67 0.07 -7.88
C LYS C 184 29.47 -1.21 -7.07
N ASP C 185 30.19 -1.33 -5.97
CA ASP C 185 30.08 -2.52 -5.12
C ASP C 185 29.31 -2.26 -3.82
N LEU C 186 28.29 -3.09 -3.58
CA LEU C 186 27.43 -2.90 -2.42
C LEU C 186 28.13 -2.65 -1.12
N LYS C 187 29.30 -3.24 -0.93
CA LYS C 187 30.04 -3.06 0.32
C LYS C 187 30.32 -1.58 0.57
N ASP C 188 30.50 -0.87 -0.52
CA ASP C 188 30.82 0.54 -0.48
C ASP C 188 29.68 1.44 0.00
N CYS C 189 28.50 1.22 -0.56
CA CYS C 189 27.36 2.06 -0.27
C CYS C 189 26.17 1.47 0.43
N ALA C 190 26.38 0.51 1.30
CA ALA C 190 25.23 -0.05 1.97
C ALA C 190 25.05 0.60 3.31
N VAL C 191 23.78 0.82 3.66
CA VAL C 191 23.50 1.36 4.96
C VAL C 191 22.42 0.44 5.51
N TYR C 192 22.74 -0.17 6.65
CA TYR C 192 21.84 -1.09 7.28
C TYR C 192 21.06 -0.51 8.42
N SER C 193 21.65 0.44 9.13
CA SER C 193 20.97 1.04 10.26
C SER C 193 20.89 2.57 10.23
N ARG C 194 19.77 3.08 10.69
CA ARG C 194 19.53 4.51 10.78
C ARG C 194 18.97 4.70 12.16
N GLU C 195 19.83 5.12 13.09
CA GLU C 195 19.41 5.28 14.45
C GLU C 195 20.10 6.49 15.08
N GLY C 196 19.33 7.33 15.78
CA GLY C 196 19.86 8.53 16.38
C GLY C 196 20.09 9.55 15.27
N HIS C 197 20.42 10.79 15.61
CA HIS C 197 20.65 11.80 14.58
C HIS C 197 21.81 11.43 13.63
N THR C 198 21.42 11.06 12.43
CA THR C 198 22.38 10.73 11.39
C THR C 198 22.46 12.01 10.59
N GLY C 199 23.24 12.03 9.52
CA GLY C 199 23.29 13.24 8.72
C GLY C 199 22.18 13.26 7.67
N GLU C 200 22.46 13.88 6.52
CA GLU C 200 21.48 13.87 5.45
C GLU C 200 21.86 12.53 4.80
N ARG C 201 20.97 12.04 3.96
CA ARG C 201 21.23 10.78 3.29
C ARG C 201 22.47 10.96 2.42
N VAL C 202 23.60 10.43 2.89
CA VAL C 202 24.82 10.52 2.11
C VAL C 202 24.41 9.98 0.74
N PRO C 203 24.27 10.87 -0.21
CA PRO C 203 23.88 10.57 -1.57
C PRO C 203 24.66 9.42 -2.14
N GLY C 204 23.95 8.61 -2.92
CA GLY C 204 24.57 7.46 -3.55
C GLY C 204 24.27 6.13 -2.87
N THR C 205 24.19 6.12 -1.54
CA THR C 205 23.90 4.92 -0.79
C THR C 205 22.61 4.17 -1.19
N ILE C 206 22.46 2.98 -0.61
CA ILE C 206 21.27 2.12 -0.81
C ILE C 206 20.99 1.55 0.57
N GLY C 207 19.91 2.04 1.18
CA GLY C 207 19.61 1.64 2.54
C GLY C 207 18.67 0.49 2.67
N PHE C 208 18.63 -0.07 3.85
CA PHE C 208 17.77 -1.18 4.11
C PHE C 208 16.97 -0.97 5.35
N ALA C 209 15.72 -1.39 5.29
CA ALA C 209 14.80 -1.31 6.41
C ALA C 209 14.30 -2.74 6.59
N THR C 210 14.36 -3.24 7.84
CA THR C 210 13.96 -4.61 8.12
C THR C 210 12.83 -4.80 9.10
N VAL C 211 11.75 -5.37 8.60
CA VAL C 211 10.62 -5.61 9.43
C VAL C 211 10.57 -7.09 9.67
N ARG C 212 10.30 -7.43 10.93
CA ARG C 212 10.19 -8.79 11.39
C ARG C 212 8.93 -8.90 12.18
N ALA C 213 7.96 -9.61 11.63
CA ALA C 213 6.71 -9.75 12.34
C ALA C 213 5.78 -10.79 11.77
N GLY C 214 5.09 -11.48 12.68
CA GLY C 214 4.11 -12.49 12.31
C GLY C 214 4.53 -13.61 11.41
N ASP C 215 3.58 -14.05 10.62
CA ASP C 215 3.82 -15.15 9.72
C ASP C 215 4.15 -14.67 8.33
N ILE C 216 4.72 -13.50 8.19
CA ILE C 216 4.98 -13.01 6.85
C ILE C 216 5.94 -13.89 6.06
N VAL C 217 5.45 -14.46 4.97
CA VAL C 217 6.27 -15.32 4.18
C VAL C 217 7.39 -14.51 3.63
N GLY C 218 7.05 -13.43 2.94
CA GLY C 218 8.08 -12.57 2.41
C GLY C 218 7.64 -11.42 1.55
N GLU C 219 7.99 -10.20 1.98
CA GLU C 219 7.64 -9.02 1.21
C GLU C 219 8.87 -8.16 0.99
N HIS C 220 9.14 -7.85 -0.27
CA HIS C 220 10.33 -7.07 -0.63
C HIS C 220 9.99 -5.90 -1.54
N THR C 221 10.58 -4.75 -1.23
CA THR C 221 10.35 -3.57 -2.04
C THR C 221 11.63 -2.86 -2.36
N ALA C 222 11.74 -2.53 -3.64
CA ALA C 222 12.85 -1.81 -4.23
C ALA C 222 12.29 -0.45 -4.51
N MET C 223 12.95 0.57 -3.98
CA MET C 223 12.51 1.96 -4.18
C MET C 223 13.53 2.94 -4.78
N PHE C 224 13.11 3.55 -5.89
CA PHE C 224 13.90 4.55 -6.63
C PHE C 224 13.17 5.86 -6.47
N ALA C 225 13.66 6.66 -5.54
CA ALA C 225 13.08 7.94 -5.22
C ALA C 225 13.82 9.16 -5.76
N ASP C 226 13.04 10.05 -6.37
CA ASP C 226 13.51 11.30 -6.96
C ASP C 226 12.62 12.36 -6.36
N ILE C 227 12.89 13.62 -6.60
CA ILE C 227 11.99 14.62 -6.06
C ILE C 227 10.89 14.76 -7.08
N GLY C 228 9.66 14.48 -6.67
CA GLY C 228 8.55 14.59 -7.60
C GLY C 228 7.95 13.27 -7.99
N GLU C 229 8.73 12.21 -7.86
CA GLU C 229 8.23 10.90 -8.22
C GLU C 229 9.14 9.83 -7.64
N ARG C 230 8.61 8.62 -7.56
CA ARG C 230 9.37 7.44 -7.12
C ARG C 230 8.77 6.20 -7.73
N LEU C 231 9.65 5.26 -8.02
CA LEU C 231 9.23 3.97 -8.58
C LEU C 231 9.49 2.94 -7.50
N GLU C 232 8.52 2.07 -7.34
CA GLU C 232 8.63 1.01 -6.37
C GLU C 232 8.32 -0.30 -7.03
N ILE C 233 9.24 -1.25 -6.88
CA ILE C 233 9.00 -2.57 -7.43
C ILE C 233 8.89 -3.48 -6.23
N THR C 234 7.81 -4.23 -6.19
CA THR C 234 7.58 -5.01 -5.03
C THR C 234 7.14 -6.40 -5.25
N HIS C 235 7.72 -7.32 -4.50
CA HIS C 235 7.35 -8.72 -4.58
C HIS C 235 6.78 -9.20 -3.26
N LYS C 236 5.73 -10.00 -3.33
CA LYS C 236 5.10 -10.55 -2.13
C LYS C 236 4.90 -12.06 -2.29
N ALA C 237 5.47 -12.83 -1.37
CA ALA C 237 5.33 -14.28 -1.41
C ALA C 237 4.20 -14.66 -0.46
N SER C 238 3.15 -15.31 -0.98
CA SER C 238 2.03 -15.73 -0.14
C SER C 238 2.12 -17.13 0.53
N SER C 239 2.89 -18.05 -0.02
CA SER C 239 3.04 -19.38 0.57
C SER C 239 4.42 -19.98 0.25
N ARG C 240 4.99 -20.68 1.22
CA ARG C 240 6.29 -21.25 1.05
C ARG C 240 6.41 -22.25 -0.07
N MET C 241 5.29 -22.73 -0.56
CA MET C 241 5.28 -23.69 -1.64
C MET C 241 5.99 -23.19 -2.90
N THR C 242 5.94 -21.88 -3.14
CA THR C 242 6.57 -21.30 -4.33
C THR C 242 8.08 -21.49 -4.39
N PHE C 243 8.75 -21.40 -3.24
CA PHE C 243 10.19 -21.59 -3.21
C PHE C 243 10.47 -23.08 -3.39
N ALA C 244 9.58 -23.91 -2.84
CA ALA C 244 9.73 -25.35 -2.92
C ALA C 244 9.75 -25.78 -4.37
N ASN C 245 8.66 -25.51 -5.09
CA ASN C 245 8.59 -25.84 -6.50
C ASN C 245 9.77 -25.24 -7.22
N GLY C 246 10.23 -24.11 -6.71
CA GLY C 246 11.38 -23.48 -7.32
C GLY C 246 12.64 -24.32 -7.19
N ALA C 247 12.92 -24.77 -5.97
CA ALA C 247 14.12 -25.54 -5.69
C ALA C 247 14.11 -26.91 -6.34
N VAL C 248 12.93 -27.54 -6.36
CA VAL C 248 12.82 -28.85 -6.98
C VAL C 248 13.17 -28.75 -8.45
N ARG C 249 12.38 -27.98 -9.19
CA ARG C 249 12.64 -27.85 -10.62
C ARG C 249 14.07 -27.45 -10.90
N SER C 250 14.75 -26.84 -9.93
CA SER C 250 16.15 -26.49 -10.12
C SER C 250 16.86 -27.82 -10.13
N ALA C 251 16.63 -28.58 -9.06
CA ALA C 251 17.22 -29.89 -8.90
C ALA C 251 17.08 -30.60 -10.25
N LEU C 252 15.87 -30.52 -10.78
CA LEU C 252 15.54 -31.13 -12.05
C LEU C 252 16.46 -30.61 -13.15
N TRP C 253 16.56 -29.30 -13.25
CA TRP C 253 17.40 -28.67 -14.24
C TRP C 253 18.79 -29.26 -14.24
N LEU C 254 19.29 -29.59 -13.06
CA LEU C 254 20.61 -30.18 -12.96
C LEU C 254 20.80 -31.52 -13.69
N SER C 255 19.74 -31.99 -14.35
CA SER C 255 19.77 -33.23 -15.12
C SER C 255 20.83 -33.15 -16.24
N GLY C 256 21.91 -33.91 -16.06
CA GLY C 256 23.00 -33.95 -17.02
C GLY C 256 24.10 -32.96 -16.74
N LYS C 257 23.97 -32.16 -15.67
CA LYS C 257 24.99 -31.17 -15.35
C LYS C 257 26.17 -31.76 -14.58
N GLU C 258 27.34 -31.70 -15.19
CA GLU C 258 28.54 -32.20 -14.58
C GLU C 258 29.08 -31.29 -13.47
N SER C 259 29.41 -30.03 -13.80
CA SER C 259 29.99 -29.10 -12.79
C SER C 259 29.62 -27.61 -12.91
N GLY C 260 29.93 -26.85 -11.86
CA GLY C 260 29.69 -25.41 -11.86
C GLY C 260 28.55 -24.80 -11.05
N LEU C 261 28.64 -23.47 -10.85
CA LEU C 261 27.67 -22.62 -10.10
C LEU C 261 26.65 -21.85 -10.90
N PHE C 262 25.38 -22.06 -10.58
CA PHE C 262 24.32 -21.39 -11.31
C PHE C 262 23.34 -20.79 -10.28
N ASP C 263 22.26 -20.17 -10.80
CA ASP C 263 21.21 -19.53 -10.01
C ASP C 263 19.88 -19.53 -10.74
N MET C 264 18.87 -19.05 -10.04
CA MET C 264 17.55 -19.08 -10.55
C MET C 264 17.41 -18.49 -11.91
N ARG C 265 18.06 -17.36 -12.13
CA ARG C 265 17.96 -16.77 -13.46
C ARG C 265 18.48 -17.69 -14.53
N ASP C 266 19.48 -18.48 -14.17
CA ASP C 266 20.05 -19.39 -15.14
C ASP C 266 18.97 -20.39 -15.38
N VAL C 267 18.49 -20.98 -14.29
CA VAL C 267 17.49 -22.05 -14.36
C VAL C 267 16.29 -21.67 -15.16
N LEU C 268 15.71 -20.54 -14.81
CA LEU C 268 14.56 -20.09 -15.52
C LEU C 268 15.02 -19.43 -16.80
N ASP C 269 16.32 -19.16 -16.84
CA ASP C 269 16.92 -18.51 -18.00
C ASP C 269 16.38 -17.10 -18.21
N LEU C 270 17.04 -16.17 -17.55
CA LEU C 270 16.69 -14.75 -17.61
C LEU C 270 17.97 -13.91 -17.60
N ASN C 271 19.09 -14.52 -18.04
CA ASN C 271 20.35 -13.81 -18.12
C ASN C 271 20.11 -12.82 -19.28
N ASN C 272 19.37 -11.79 -18.89
CA ASN C 272 18.83 -10.72 -19.69
C ASN C 272 17.85 -11.17 -20.73
N LEU C 273 16.60 -10.99 -20.32
CA LEU C 273 15.38 -11.28 -21.04
C LEU C 273 15.40 -11.59 -22.55
N ASP D 3 -14.02 -30.79 21.82
CA ASP D 3 -14.14 -31.98 22.70
C ASP D 3 -15.49 -32.03 23.43
N ALA D 4 -15.52 -31.52 24.66
CA ALA D 4 -16.73 -31.52 25.48
C ALA D 4 -17.91 -30.76 24.89
N ASN D 5 -19.08 -31.37 24.98
CA ASN D 5 -20.28 -30.72 24.52
C ASN D 5 -20.31 -30.46 23.01
N ILE D 6 -21.15 -29.49 22.62
CA ILE D 6 -21.45 -29.00 21.27
C ILE D 6 -21.06 -29.67 19.96
N ARG D 7 -22.10 -30.04 19.22
CA ARG D 7 -21.91 -30.67 17.94
C ARG D 7 -22.18 -29.64 16.88
N VAL D 8 -21.34 -29.63 15.85
CA VAL D 8 -21.48 -28.65 14.77
C VAL D 8 -21.72 -29.15 13.34
N ALA D 9 -22.75 -28.60 12.70
CA ALA D 9 -23.04 -28.99 11.33
C ALA D 9 -22.22 -28.08 10.46
N ILE D 10 -21.52 -28.63 9.48
CA ILE D 10 -20.70 -27.82 8.63
C ILE D 10 -21.16 -27.84 7.22
N ALA D 11 -21.94 -26.81 6.87
CA ALA D 11 -22.46 -26.65 5.53
C ALA D 11 -21.35 -26.61 4.48
N GLY D 12 -21.67 -27.06 3.27
CA GLY D 12 -20.72 -27.06 2.16
C GLY D 12 -19.32 -27.44 2.56
N ALA D 13 -19.21 -28.60 3.20
CA ALA D 13 -17.92 -29.04 3.65
C ALA D 13 -16.81 -29.17 2.58
N GLY D 14 -17.17 -29.08 1.31
CA GLY D 14 -16.17 -29.24 0.24
C GLY D 14 -15.37 -27.99 0.02
N GLY D 15 -16.08 -26.88 0.02
CA GLY D 15 -15.47 -25.57 -0.18
C GLY D 15 -14.25 -25.22 0.67
N ARG D 16 -13.47 -24.23 0.25
CA ARG D 16 -12.28 -23.88 1.01
C ARG D 16 -12.60 -23.51 2.46
N MET D 17 -13.75 -22.94 2.72
CA MET D 17 -14.06 -22.61 4.10
C MET D 17 -14.47 -23.87 4.83
N GLY D 18 -15.05 -24.82 4.12
CA GLY D 18 -15.48 -26.06 4.75
C GLY D 18 -14.28 -26.81 5.29
N ARG D 19 -13.33 -27.08 4.40
CA ARG D 19 -12.13 -27.78 4.77
C ARG D 19 -11.45 -27.09 5.98
N GLN D 20 -11.58 -25.77 6.11
CA GLN D 20 -10.93 -25.08 7.21
C GLN D 20 -11.74 -25.28 8.46
N LEU D 21 -13.04 -25.06 8.30
CA LEU D 21 -14.00 -25.20 9.37
C LEU D 21 -13.93 -26.60 10.00
N ILE D 22 -13.86 -27.61 9.16
CA ILE D 22 -13.82 -28.96 9.66
C ILE D 22 -12.60 -29.14 10.55
N GLN D 23 -11.41 -28.96 10.01
CA GLN D 23 -10.25 -29.17 10.84
C GLN D 23 -10.25 -28.24 12.03
N ALA D 24 -10.98 -27.16 11.89
CA ALA D 24 -11.03 -26.23 12.98
C ALA D 24 -11.73 -26.91 14.11
N ALA D 25 -12.95 -27.38 13.86
CA ALA D 25 -13.77 -28.05 14.87
C ALA D 25 -13.08 -29.27 15.48
N LEU D 26 -12.40 -30.04 14.64
CA LEU D 26 -11.71 -31.20 15.11
C LEU D 26 -10.65 -30.84 16.10
N ALA D 27 -9.71 -30.02 15.66
CA ALA D 27 -8.62 -29.64 16.52
C ALA D 27 -8.98 -28.82 17.72
N LEU D 28 -10.14 -28.18 17.72
CA LEU D 28 -10.53 -27.30 18.84
C LEU D 28 -11.31 -27.90 19.98
N GLU D 29 -10.77 -27.73 21.20
CA GLU D 29 -11.39 -28.20 22.43
C GLU D 29 -12.78 -27.64 22.58
N GLY D 30 -13.65 -28.41 23.23
CA GLY D 30 -15.03 -28.03 23.46
C GLY D 30 -15.87 -28.18 22.20
N VAL D 31 -15.29 -28.72 21.15
CA VAL D 31 -16.10 -28.81 19.97
C VAL D 31 -16.01 -30.14 19.23
N GLN D 32 -17.15 -30.67 18.85
CA GLN D 32 -17.09 -31.93 18.14
C GLN D 32 -17.63 -31.82 16.76
N LEU D 33 -16.94 -32.46 15.82
CA LEU D 33 -17.40 -32.39 14.47
C LEU D 33 -18.76 -33.06 14.43
N GLY D 34 -19.81 -32.26 14.51
CA GLY D 34 -21.16 -32.82 14.47
C GLY D 34 -21.50 -33.43 13.12
N ALA D 35 -21.62 -32.59 12.10
CA ALA D 35 -21.94 -33.07 10.77
C ALA D 35 -21.13 -32.36 9.73
N ALA D 36 -21.39 -32.74 8.51
CA ALA D 36 -20.73 -32.19 7.36
C ALA D 36 -21.83 -32.19 6.30
N LEU D 37 -21.87 -31.20 5.44
CA LEU D 37 -22.90 -31.21 4.43
C LEU D 37 -22.40 -30.83 3.07
N GLU D 38 -23.28 -30.94 2.10
CA GLU D 38 -22.87 -30.59 0.77
C GLU D 38 -24.04 -30.46 -0.19
N ARG D 39 -23.67 -30.11 -1.43
CA ARG D 39 -24.61 -29.90 -2.52
C ARG D 39 -25.33 -31.13 -2.97
N GLU D 40 -26.42 -30.88 -3.66
CA GLU D 40 -27.30 -31.92 -4.10
C GLU D 40 -26.72 -33.07 -4.89
N GLY D 41 -25.66 -32.81 -5.65
CA GLY D 41 -25.06 -33.88 -6.41
C GLY D 41 -23.57 -33.72 -6.37
N SER D 42 -23.07 -33.25 -5.22
CA SER D 42 -21.65 -33.04 -5.07
C SER D 42 -20.94 -34.34 -5.32
N SER D 43 -19.81 -34.27 -6.00
CA SER D 43 -19.06 -35.49 -6.24
C SER D 43 -18.45 -35.93 -4.90
N LEU D 44 -18.75 -35.18 -3.84
CA LEU D 44 -18.23 -35.46 -2.51
C LEU D 44 -19.07 -36.24 -1.55
N LEU D 45 -20.35 -36.42 -1.88
CA LEU D 45 -21.20 -37.15 -0.97
C LEU D 45 -20.58 -38.52 -0.57
N GLY D 46 -21.08 -39.06 0.54
CA GLY D 46 -20.61 -40.35 1.01
C GLY D 46 -19.16 -40.46 1.43
N SER D 47 -18.49 -39.33 1.64
CA SER D 47 -17.11 -39.40 2.06
C SER D 47 -16.98 -38.98 3.54
N ASP D 48 -15.90 -39.40 4.18
CA ASP D 48 -15.66 -39.04 5.59
C ASP D 48 -14.91 -37.73 5.68
N ALA D 49 -15.57 -36.78 6.33
CA ALA D 49 -15.05 -35.44 6.53
C ALA D 49 -13.54 -35.31 6.70
N GLY D 50 -12.99 -36.07 7.64
CA GLY D 50 -11.55 -36.00 7.91
C GLY D 50 -10.52 -36.25 6.81
N GLU D 51 -10.93 -36.77 5.67
CA GLU D 51 -9.91 -36.94 4.68
C GLU D 51 -9.85 -35.77 3.75
N LEU D 52 -11.04 -35.25 3.41
CA LEU D 52 -11.16 -34.09 2.50
C LEU D 52 -10.24 -33.05 3.01
N ALA D 53 -10.59 -32.57 4.19
CA ALA D 53 -9.78 -31.59 4.79
C ALA D 53 -9.30 -32.26 6.01
N GLY D 54 -7.98 -32.39 6.11
CA GLY D 54 -7.41 -33.00 7.29
C GLY D 54 -6.86 -34.39 7.07
N ALA D 55 -6.65 -35.10 8.18
CA ALA D 55 -6.09 -36.43 8.12
C ALA D 55 -6.54 -37.32 9.29
N GLY D 56 -7.01 -38.52 8.98
CA GLY D 56 -7.41 -39.45 10.01
C GLY D 56 -8.91 -39.59 9.94
N LYS D 57 -9.35 -40.73 9.38
CA LYS D 57 -10.78 -41.04 9.22
C LYS D 57 -11.57 -41.06 10.54
N THR D 58 -12.75 -40.45 10.55
CA THR D 58 -13.56 -40.37 11.75
C THR D 58 -15.00 -40.83 11.62
N GLY D 59 -15.75 -40.56 12.68
CA GLY D 59 -17.14 -40.96 12.73
C GLY D 59 -18.17 -40.02 12.15
N VAL D 60 -17.85 -39.30 11.08
CA VAL D 60 -18.83 -38.38 10.46
C VAL D 60 -18.64 -38.52 8.97
N THR D 61 -19.73 -38.65 8.26
CA THR D 61 -19.66 -38.79 6.84
C THR D 61 -20.68 -37.82 6.30
N VAL D 62 -20.32 -37.19 5.19
CA VAL D 62 -21.13 -36.18 4.53
C VAL D 62 -22.41 -36.70 3.82
N GLN D 63 -23.30 -35.76 3.49
CA GLN D 63 -24.55 -36.09 2.81
C GLN D 63 -25.34 -34.85 2.39
N SER D 64 -26.39 -35.06 1.63
CA SER D 64 -27.20 -33.96 1.16
C SER D 64 -28.53 -33.76 1.88
N SER D 65 -28.59 -34.05 3.17
CA SER D 65 -29.86 -33.86 3.83
C SER D 65 -29.82 -33.32 5.24
N LEU D 66 -30.69 -32.35 5.46
CA LEU D 66 -30.80 -31.72 6.77
C LEU D 66 -31.31 -32.74 7.77
N ASP D 67 -32.56 -33.17 7.61
CA ASP D 67 -33.15 -34.15 8.53
C ASP D 67 -32.31 -35.41 8.69
N ALA D 68 -31.63 -35.86 7.62
CA ALA D 68 -30.79 -37.05 7.72
C ALA D 68 -29.78 -37.00 8.87
N VAL D 69 -29.42 -35.79 9.30
CA VAL D 69 -28.46 -35.62 10.39
C VAL D 69 -28.99 -34.67 11.42
N LYS D 70 -30.24 -34.27 11.24
CA LYS D 70 -30.92 -33.31 12.09
C LYS D 70 -30.73 -33.45 13.59
N ASP D 71 -30.22 -34.58 14.05
CA ASP D 71 -29.98 -34.74 15.50
C ASP D 71 -28.49 -34.85 15.80
N ASP D 72 -27.67 -34.64 14.77
CA ASP D 72 -26.24 -34.75 14.87
C ASP D 72 -25.48 -33.49 15.24
N PHE D 73 -26.18 -32.37 15.45
CA PHE D 73 -25.52 -31.10 15.82
C PHE D 73 -26.42 -30.20 16.64
N ASP D 74 -25.86 -29.08 17.08
CA ASP D 74 -26.60 -28.10 17.88
C ASP D 74 -26.60 -26.78 17.11
N VAL D 75 -25.41 -26.45 16.59
CA VAL D 75 -25.21 -25.21 15.84
C VAL D 75 -24.84 -25.46 14.43
N PHE D 76 -25.52 -24.75 13.58
CA PHE D 76 -25.28 -24.86 12.17
C PHE D 76 -24.36 -23.72 11.71
N ILE D 77 -23.22 -24.09 11.14
CA ILE D 77 -22.23 -23.13 10.65
C ILE D 77 -22.32 -23.04 9.14
N ASP D 78 -22.78 -21.89 8.68
CA ASP D 78 -22.92 -21.72 7.26
C ASP D 78 -21.98 -20.77 6.59
N PHE D 79 -21.26 -21.31 5.62
CA PHE D 79 -20.33 -20.54 4.81
C PHE D 79 -20.42 -21.10 3.41
N THR D 80 -21.63 -21.06 2.85
CA THR D 80 -21.90 -21.51 1.48
C THR D 80 -22.20 -20.28 0.60
N ARG D 81 -23.39 -20.25 0.00
CA ARG D 81 -23.85 -19.15 -0.84
C ARG D 81 -25.25 -18.82 -0.33
N PRO D 82 -25.68 -17.57 -0.47
CA PRO D 82 -26.98 -17.08 -0.02
C PRO D 82 -28.16 -18.02 -0.24
N GLU D 83 -28.44 -18.35 -1.51
CA GLU D 83 -29.55 -19.25 -1.85
C GLU D 83 -29.50 -20.44 -0.92
N GLY D 84 -28.39 -21.18 -1.01
CA GLY D 84 -28.22 -22.34 -0.15
C GLY D 84 -28.57 -21.99 1.29
N THR D 85 -27.77 -21.09 1.86
CA THR D 85 -27.93 -20.64 3.24
C THR D 85 -29.35 -20.33 3.61
N LEU D 86 -30.11 -19.82 2.66
CA LEU D 86 -31.46 -19.46 2.96
C LEU D 86 -32.25 -20.67 3.36
N ASN D 87 -32.09 -21.74 2.58
CA ASN D 87 -32.78 -22.98 2.87
C ASN D 87 -32.52 -23.35 4.32
N HIS D 88 -31.26 -23.71 4.58
CA HIS D 88 -30.80 -24.12 5.89
C HIS D 88 -31.50 -23.34 7.00
N LEU D 89 -31.52 -22.02 6.84
CA LEU D 89 -32.11 -21.09 7.80
C LEU D 89 -33.50 -21.46 8.28
N ALA D 90 -34.37 -21.89 7.37
CA ALA D 90 -35.75 -22.29 7.73
C ALA D 90 -35.67 -23.47 8.65
N PHE D 91 -34.84 -24.41 8.20
CA PHE D 91 -34.62 -25.64 8.90
C PHE D 91 -34.29 -25.31 10.31
N CYS D 92 -33.08 -24.77 10.48
CA CYS D 92 -32.57 -24.45 11.81
C CYS D 92 -33.54 -23.63 12.65
N ARG D 93 -34.48 -22.93 12.00
CA ARG D 93 -35.42 -22.10 12.76
C ARG D 93 -36.59 -22.91 13.28
N GLN D 94 -37.25 -23.60 12.37
CA GLN D 94 -38.39 -24.42 12.71
C GLN D 94 -37.89 -25.43 13.73
N HIS D 95 -36.63 -25.78 13.62
CA HIS D 95 -36.01 -26.75 14.50
C HIS D 95 -35.11 -26.21 15.61
N GLY D 96 -35.43 -25.00 16.06
CA GLY D 96 -34.68 -24.40 17.16
C GLY D 96 -33.18 -24.57 17.20
N LYS D 97 -32.51 -24.66 16.06
CA LYS D 97 -31.06 -24.78 16.08
C LYS D 97 -30.32 -23.45 16.00
N GLY D 98 -29.22 -23.34 16.74
CA GLY D 98 -28.45 -22.11 16.68
C GLY D 98 -27.77 -22.04 15.31
N MET D 99 -27.26 -20.87 14.98
CA MET D 99 -26.60 -20.75 13.70
C MET D 99 -25.50 -19.73 13.65
N VAL D 100 -24.53 -19.99 12.78
CA VAL D 100 -23.39 -19.09 12.65
C VAL D 100 -23.11 -18.92 11.18
N ILE D 101 -23.54 -17.77 10.65
CA ILE D 101 -23.38 -17.48 9.23
C ILE D 101 -22.26 -16.55 8.87
N GLY D 102 -21.45 -17.01 7.92
CA GLY D 102 -20.33 -16.23 7.44
C GLY D 102 -20.43 -16.14 5.94
N THR D 103 -21.51 -16.63 5.37
CA THR D 103 -21.71 -16.55 3.94
C THR D 103 -21.94 -15.05 3.63
N THR D 104 -21.52 -14.59 2.44
CA THR D 104 -21.69 -13.17 2.04
C THR D 104 -22.44 -12.98 0.72
N GLY D 105 -22.86 -11.76 0.46
CA GLY D 105 -23.56 -11.48 -0.77
C GLY D 105 -25.09 -11.54 -0.71
N PHE D 106 -25.64 -11.37 0.48
CA PHE D 106 -27.10 -11.41 0.63
C PHE D 106 -27.82 -10.21 0.10
N ASP D 107 -28.88 -10.43 -0.66
CA ASP D 107 -29.70 -9.32 -1.16
C ASP D 107 -30.47 -8.83 0.06
N GLU D 108 -30.82 -7.55 0.07
CA GLU D 108 -31.57 -6.94 1.17
C GLU D 108 -32.72 -7.79 1.73
N ALA D 109 -33.28 -8.66 0.91
CA ALA D 109 -34.40 -9.53 1.33
C ALA D 109 -33.89 -10.67 2.20
N GLY D 110 -32.89 -11.41 1.70
CA GLY D 110 -32.32 -12.50 2.47
C GLY D 110 -31.94 -11.94 3.82
N LYS D 111 -31.32 -10.77 3.81
CA LYS D 111 -30.91 -10.11 5.05
C LYS D 111 -32.08 -9.96 6.02
N GLN D 112 -33.28 -9.83 5.46
CA GLN D 112 -34.48 -9.70 6.28
C GLN D 112 -34.87 -11.04 6.88
N ALA D 113 -34.79 -12.11 6.08
CA ALA D 113 -35.12 -13.45 6.55
C ALA D 113 -34.27 -13.76 7.76
N ILE D 114 -32.95 -13.56 7.64
CA ILE D 114 -32.05 -13.83 8.78
C ILE D 114 -32.57 -13.00 9.94
N ARG D 115 -32.88 -11.76 9.62
CA ARG D 115 -33.39 -10.81 10.57
C ARG D 115 -34.62 -11.41 11.24
N ASP D 116 -35.49 -12.04 10.44
CA ASP D 116 -36.70 -12.68 10.95
C ASP D 116 -36.38 -13.85 11.87
N ALA D 117 -35.76 -14.87 11.29
CA ALA D 117 -35.39 -16.08 12.00
C ALA D 117 -34.82 -15.84 13.39
N ALA D 118 -34.09 -14.74 13.56
CA ALA D 118 -33.47 -14.45 14.85
C ALA D 118 -34.50 -14.36 16.00
N ALA D 119 -35.78 -14.28 15.62
CA ALA D 119 -36.87 -14.18 16.59
C ALA D 119 -36.93 -15.30 17.65
N ASP D 120 -36.60 -16.52 17.23
CA ASP D 120 -36.63 -17.66 18.15
C ASP D 120 -35.30 -18.40 18.28
N ILE D 121 -34.47 -18.36 17.23
CA ILE D 121 -33.15 -19.00 17.25
C ILE D 121 -32.09 -17.93 17.30
N ALA D 122 -30.88 -18.33 17.68
CA ALA D 122 -29.76 -17.39 17.77
C ALA D 122 -28.81 -17.56 16.58
N ILE D 123 -28.55 -16.44 15.93
CA ILE D 123 -27.68 -16.42 14.79
C ILE D 123 -26.53 -15.49 15.03
N VAL D 124 -25.40 -15.83 14.46
CA VAL D 124 -24.26 -14.95 14.56
C VAL D 124 -23.97 -14.76 13.13
N PHE D 125 -24.40 -13.60 12.66
CA PHE D 125 -24.21 -13.26 11.28
C PHE D 125 -23.20 -12.16 11.18
N ALA D 126 -22.09 -12.47 10.54
CA ALA D 126 -21.03 -11.49 10.39
C ALA D 126 -20.51 -11.58 8.95
N ALA D 127 -19.89 -10.50 8.48
CA ALA D 127 -19.34 -10.52 7.13
C ALA D 127 -17.89 -10.94 7.17
N ASN D 128 -17.32 -10.97 8.36
CA ASN D 128 -15.92 -11.36 8.53
C ASN D 128 -15.78 -11.93 9.94
N PHE D 129 -15.06 -13.04 10.04
CA PHE D 129 -14.88 -13.67 11.31
C PHE D 129 -13.51 -13.57 11.91
N SER D 130 -12.76 -12.51 11.59
CA SER D 130 -11.42 -12.35 12.16
C SER D 130 -11.43 -11.30 13.23
N VAL D 131 -10.42 -11.27 14.08
CA VAL D 131 -10.39 -10.28 15.13
C VAL D 131 -10.08 -8.93 14.50
N GLY D 132 -8.93 -8.86 13.86
CA GLY D 132 -8.50 -7.63 13.20
C GLY D 132 -9.64 -6.88 12.54
N VAL D 133 -10.24 -7.47 11.54
CA VAL D 133 -11.31 -6.77 10.88
C VAL D 133 -12.37 -6.23 11.83
N ASN D 134 -12.74 -7.01 12.83
CA ASN D 134 -13.74 -6.50 13.69
C ASN D 134 -13.25 -5.27 14.40
N VAL D 135 -12.03 -5.32 14.94
CA VAL D 135 -11.44 -4.16 15.61
C VAL D 135 -11.45 -2.96 14.64
N MET D 136 -10.96 -3.19 13.45
CA MET D 136 -10.91 -2.15 12.47
C MET D 136 -12.24 -1.50 12.39
N LEU D 137 -13.24 -2.34 12.14
CA LEU D 137 -14.60 -1.88 12.01
C LEU D 137 -14.96 -0.84 13.04
N LYS D 138 -14.42 -1.00 14.23
CA LYS D 138 -14.69 -0.09 15.31
C LYS D 138 -13.88 1.17 15.11
N LEU D 139 -12.56 1.01 14.97
CA LEU D 139 -11.65 2.13 14.75
C LEU D 139 -12.24 3.04 13.67
N LEU D 140 -12.87 2.45 12.68
CA LEU D 140 -13.49 3.24 11.62
C LEU D 140 -14.50 4.25 12.17
N GLU D 141 -15.39 3.79 13.01
CA GLU D 141 -16.39 4.68 13.59
C GLU D 141 -15.65 5.84 14.16
N LYS D 142 -14.67 5.54 14.99
CA LYS D 142 -13.87 6.60 15.59
C LYS D 142 -13.36 7.59 14.52
N ALA D 143 -12.63 7.11 13.54
CA ALA D 143 -12.09 8.00 12.52
C ALA D 143 -13.18 8.80 11.83
N ALA D 144 -14.12 8.12 11.21
CA ALA D 144 -15.21 8.79 10.52
C ALA D 144 -15.81 9.89 11.40
N LYS D 145 -15.88 9.64 12.69
CA LYS D 145 -16.42 10.61 13.63
C LYS D 145 -15.72 11.97 13.47
N VAL D 146 -14.41 11.96 13.68
CA VAL D 146 -13.60 13.15 13.59
C VAL D 146 -13.37 13.68 12.19
N MET D 147 -12.88 12.83 11.29
CA MET D 147 -12.53 13.26 9.97
C MET D 147 -13.52 12.93 8.93
N GLY D 148 -14.59 12.31 9.33
CA GLY D 148 -15.56 11.95 8.33
C GLY D 148 -16.06 13.09 7.48
N ASP D 149 -16.58 14.11 8.15
CA ASP D 149 -17.18 15.26 7.48
C ASP D 149 -16.51 15.94 6.33
N TYR D 150 -15.23 16.27 6.50
CA TYR D 150 -14.50 16.95 5.46
C TYR D 150 -13.62 16.16 4.51
N THR D 151 -13.27 14.92 4.87
CA THR D 151 -12.39 14.10 4.02
C THR D 151 -13.09 13.28 2.98
N ASP D 152 -12.36 12.78 2.02
CA ASP D 152 -12.93 11.90 1.02
C ASP D 152 -12.72 10.50 1.52
N ILE D 153 -13.74 9.68 1.40
CA ILE D 153 -13.63 8.34 1.89
C ILE D 153 -13.71 7.36 0.78
N GLU D 154 -12.74 6.49 0.76
CA GLU D 154 -12.68 5.45 -0.27
C GLU D 154 -12.36 4.11 0.39
N ILE D 155 -12.90 3.04 -0.18
CA ILE D 155 -12.67 1.73 0.35
C ILE D 155 -12.19 0.84 -0.72
N ILE D 156 -11.04 0.25 -0.46
CA ILE D 156 -10.44 -0.65 -1.44
C ILE D 156 -10.30 -2.05 -0.87
N GLU D 157 -10.74 -3.03 -1.64
CA GLU D 157 -10.63 -4.41 -1.20
C GLU D 157 -10.14 -5.28 -2.31
N ALA D 158 -9.42 -6.32 -1.95
CA ALA D 158 -8.89 -7.26 -2.93
C ALA D 158 -9.06 -8.70 -2.42
N HIS D 159 -9.46 -9.59 -3.32
CA HIS D 159 -9.66 -10.99 -2.99
C HIS D 159 -9.28 -11.87 -4.13
N HIS D 160 -8.90 -13.11 -3.82
CA HIS D 160 -8.51 -14.09 -4.82
C HIS D 160 -9.46 -14.09 -6.04
N ARG D 161 -8.98 -14.64 -7.15
CA ARG D 161 -9.74 -14.69 -8.39
C ARG D 161 -11.14 -15.35 -8.37
N HIS D 162 -11.38 -16.28 -7.45
CA HIS D 162 -12.67 -17.00 -7.39
C HIS D 162 -13.85 -16.30 -6.71
N LYS D 163 -13.61 -15.29 -5.90
CA LYS D 163 -14.74 -14.63 -5.24
C LYS D 163 -15.76 -14.18 -6.27
N VAL D 164 -17.04 -14.29 -5.94
CA VAL D 164 -18.05 -13.90 -6.92
C VAL D 164 -18.97 -12.74 -6.58
N ASP D 165 -18.82 -12.19 -5.40
CA ASP D 165 -19.66 -11.04 -5.06
C ASP D 165 -18.74 -9.84 -4.93
N ALA D 166 -19.15 -8.71 -5.50
CA ALA D 166 -18.37 -7.47 -5.43
C ALA D 166 -19.29 -6.31 -4.97
N PRO D 167 -18.83 -5.54 -4.00
CA PRO D 167 -17.55 -5.68 -3.32
C PRO D 167 -17.67 -6.73 -2.18
N SER D 168 -16.56 -6.99 -1.49
CA SER D 168 -16.57 -7.93 -0.41
C SER D 168 -17.62 -7.50 0.61
N GLY D 169 -18.26 -8.48 1.23
CA GLY D 169 -19.27 -8.16 2.23
C GLY D 169 -18.63 -7.39 3.36
N THR D 170 -17.33 -7.58 3.52
CA THR D 170 -16.60 -6.91 4.57
C THR D 170 -16.52 -5.43 4.22
N ALA D 171 -16.25 -5.16 2.95
CA ALA D 171 -16.13 -3.79 2.48
C ALA D 171 -17.41 -3.07 2.84
N LEU D 172 -18.51 -3.69 2.46
CA LEU D 172 -19.80 -3.10 2.74
C LEU D 172 -19.95 -2.85 4.21
N ALA D 173 -19.53 -3.82 5.00
CA ALA D 173 -19.67 -3.63 6.42
C ALA D 173 -18.91 -2.39 6.84
N MET D 174 -17.75 -2.18 6.25
CA MET D 174 -16.93 -1.02 6.59
C MET D 174 -17.68 0.18 6.14
N GLY D 175 -18.24 0.11 4.94
CA GLY D 175 -19.01 1.23 4.43
C GLY D 175 -20.06 1.62 5.45
N GLU D 176 -20.85 0.64 5.88
CA GLU D 176 -21.88 0.87 6.85
C GLU D 176 -21.36 1.48 8.12
N ALA D 177 -20.29 0.90 8.67
CA ALA D 177 -19.71 1.39 9.92
C ALA D 177 -19.53 2.89 9.84
N ILE D 178 -18.89 3.33 8.75
CA ILE D 178 -18.60 4.73 8.52
C ILE D 178 -19.88 5.48 8.36
N ALA D 179 -20.67 5.09 7.37
CA ALA D 179 -21.94 5.73 7.07
C ALA D 179 -22.73 6.05 8.33
N HIS D 180 -22.96 5.05 9.18
CA HIS D 180 -23.75 5.25 10.40
C HIS D 180 -23.09 6.09 11.44
N ALA D 181 -21.77 6.19 11.42
CA ALA D 181 -21.08 7.02 12.40
C ALA D 181 -21.26 8.48 12.01
N LEU D 182 -21.70 8.66 10.76
CA LEU D 182 -21.95 9.97 10.17
C LEU D 182 -23.43 10.21 9.84
N ASP D 183 -24.30 9.63 10.65
CA ASP D 183 -25.75 9.82 10.47
C ASP D 183 -26.27 9.72 9.05
N LYS D 184 -25.58 9.00 8.18
CA LYS D 184 -26.05 8.83 6.81
C LYS D 184 -26.17 7.35 6.45
N ASP D 185 -26.91 7.04 5.39
CA ASP D 185 -27.09 5.65 4.99
C ASP D 185 -26.32 5.35 3.73
N LEU D 186 -25.51 4.31 3.80
CA LEU D 186 -24.68 3.94 2.66
C LEU D 186 -25.37 3.93 1.29
N LYS D 187 -26.64 3.54 1.24
CA LYS D 187 -27.35 3.47 -0.04
C LYS D 187 -27.32 4.82 -0.75
N ASP D 188 -27.33 5.87 0.05
CA ASP D 188 -27.34 7.23 -0.45
C ASP D 188 -26.05 7.65 -1.13
N CYS D 189 -24.93 7.35 -0.47
CA CYS D 189 -23.64 7.78 -0.97
C CYS D 189 -22.64 6.73 -1.41
N ALA D 190 -23.08 5.61 -1.95
CA ALA D 190 -22.10 4.64 -2.37
C ALA D 190 -21.80 4.77 -3.82
N VAL D 191 -20.55 4.59 -4.18
CA VAL D 191 -20.19 4.63 -5.58
C VAL D 191 -19.34 3.41 -5.78
N TYR D 192 -19.83 2.55 -6.65
CA TYR D 192 -19.19 1.29 -6.92
C TYR D 192 -18.33 1.30 -8.15
N SER D 193 -18.73 2.09 -9.15
CA SER D 193 -17.98 2.13 -10.41
C SER D 193 -17.57 3.51 -10.84
N ARG D 194 -16.36 3.59 -11.40
CA ARG D 194 -15.80 4.82 -11.93
C ARG D 194 -15.26 4.43 -13.28
N GLU D 195 -16.04 4.70 -14.31
CA GLU D 195 -15.63 4.33 -15.64
C GLU D 195 -16.01 5.38 -16.63
N GLY D 196 -15.01 5.69 -17.48
CA GLY D 196 -15.12 6.71 -18.51
C GLY D 196 -15.23 8.10 -17.92
N HIS D 197 -15.41 9.10 -18.78
CA HIS D 197 -15.53 10.46 -18.31
C HIS D 197 -16.65 10.49 -17.26
N THR D 198 -16.46 11.32 -16.25
CA THR D 198 -17.38 11.47 -15.15
C THR D 198 -16.89 12.70 -14.46
N GLY D 199 -17.74 13.28 -13.61
CA GLY D 199 -17.34 14.53 -13.00
C GLY D 199 -16.42 14.57 -11.81
N GLU D 200 -16.49 15.69 -11.13
CA GLU D 200 -15.77 15.90 -9.91
C GLU D 200 -16.37 14.88 -8.93
N ARG D 201 -15.51 14.30 -8.09
CA ARG D 201 -15.97 13.34 -7.09
C ARG D 201 -17.05 14.00 -6.25
N VAL D 202 -18.30 13.55 -6.38
CA VAL D 202 -19.39 14.13 -5.58
C VAL D 202 -19.02 14.03 -4.10
N PRO D 203 -19.08 15.14 -3.37
CA PRO D 203 -18.72 15.12 -1.95
C PRO D 203 -19.55 14.15 -1.14
N GLY D 204 -18.95 13.67 -0.04
CA GLY D 204 -19.60 12.73 0.88
C GLY D 204 -19.88 11.34 0.34
N THR D 205 -19.26 11.01 -0.77
CA THR D 205 -19.47 9.69 -1.30
C THR D 205 -18.35 8.76 -0.89
N ILE D 206 -18.77 7.54 -0.57
CA ILE D 206 -17.89 6.47 -0.18
C ILE D 206 -17.70 5.58 -1.41
N GLY D 207 -16.51 5.64 -1.99
CA GLY D 207 -16.30 4.85 -3.17
C GLY D 207 -15.67 3.52 -2.88
N PHE D 208 -15.82 2.62 -3.80
CA PHE D 208 -15.26 1.29 -3.67
C PHE D 208 -14.45 0.91 -4.90
N ALA D 209 -13.30 0.31 -4.66
CA ALA D 209 -12.47 -0.19 -5.76
C ALA D 209 -12.33 -1.68 -5.45
N THR D 210 -12.57 -2.55 -6.44
CA THR D 210 -12.48 -3.98 -6.21
C THR D 210 -11.45 -4.68 -7.04
N VAL D 211 -10.50 -5.32 -6.38
CA VAL D 211 -9.47 -6.08 -7.09
C VAL D 211 -9.77 -7.52 -6.84
N ARG D 212 -9.61 -8.30 -7.91
CA ARG D 212 -9.84 -9.73 -7.90
C ARG D 212 -8.68 -10.37 -8.60
N ALA D 213 -7.88 -11.10 -7.85
CA ALA D 213 -6.75 -11.74 -8.45
C ALA D 213 -6.06 -12.75 -7.52
N GLY D 214 -5.51 -13.78 -8.18
CA GLY D 214 -4.78 -14.82 -7.49
C GLY D 214 -5.41 -15.47 -6.26
N ASP D 215 -4.55 -15.81 -5.32
CA ASP D 215 -4.95 -16.47 -4.09
C ASP D 215 -5.10 -15.50 -2.94
N ILE D 216 -5.47 -14.27 -3.22
CA ILE D 216 -5.53 -13.31 -2.12
C ILE D 216 -6.60 -13.67 -1.13
N VAL D 217 -6.16 -13.92 0.09
CA VAL D 217 -7.13 -14.28 1.12
C VAL D 217 -8.03 -13.11 1.36
N GLY D 218 -7.44 -11.97 1.67
CA GLY D 218 -8.25 -10.80 1.89
C GLY D 218 -7.51 -9.56 2.33
N GLU D 219 -7.59 -8.48 1.55
CA GLU D 219 -6.94 -7.22 1.92
C GLU D 219 -7.97 -6.13 1.80
N HIS D 220 -8.09 -5.36 2.87
CA HIS D 220 -9.06 -4.26 2.90
C HIS D 220 -8.45 -2.98 3.40
N THR D 221 -8.79 -1.88 2.72
CA THR D 221 -8.28 -0.59 3.12
C THR D 221 -9.34 0.48 3.16
N ALA D 222 -9.30 1.21 4.27
CA ALA D 222 -10.19 2.31 4.55
C ALA D 222 -9.34 3.55 4.42
N MET D 223 -9.78 4.48 3.60
CA MET D 223 -9.03 5.71 3.37
C MET D 223 -9.80 6.99 3.59
N PHE D 224 -9.20 7.81 4.45
CA PHE D 224 -9.72 9.10 4.79
C PHE D 224 -8.74 10.11 4.23
N ALA D 225 -9.09 10.68 3.08
CA ALA D 225 -8.26 11.65 2.37
C ALA D 225 -8.68 13.11 2.45
N ASP D 226 -7.71 13.94 2.82
CA ASP D 226 -7.88 15.38 2.94
C ASP D 226 -6.78 15.96 2.03
N ILE D 227 -6.74 17.27 1.88
CA ILE D 227 -5.67 17.83 1.06
C ILE D 227 -4.51 18.05 2.01
N GLY D 228 -3.39 17.41 1.72
CA GLY D 228 -2.27 17.58 2.62
C GLY D 228 -1.95 16.35 3.44
N GLU D 229 -2.95 15.49 3.65
CA GLU D 229 -2.78 14.24 4.42
C GLU D 229 -3.89 13.25 4.17
N ARG D 230 -3.61 12.00 4.47
CA ARG D 230 -4.62 10.95 4.40
C ARG D 230 -4.30 9.85 5.40
N LEU D 231 -5.35 9.30 5.98
CA LEU D 231 -5.24 8.21 6.95
C LEU D 231 -5.78 6.96 6.26
N GLU D 232 -5.01 5.89 6.38
CA GLU D 232 -5.40 4.65 5.80
C GLU D 232 -5.34 3.59 6.88
N ILE D 233 -6.43 2.87 6.99
CA ILE D 233 -6.48 1.78 7.94
C ILE D 233 -6.58 0.54 7.08
N THR D 234 -5.70 -0.40 7.31
CA THR D 234 -5.72 -1.57 6.47
C THR D 234 -5.60 -2.90 7.15
N HIS D 235 -6.40 -3.85 6.71
CA HIS D 235 -6.33 -5.17 7.28
C HIS D 235 -5.93 -6.17 6.21
N LYS D 236 -5.08 -7.10 6.58
CA LYS D 236 -4.64 -8.13 5.65
C LYS D 236 -4.76 -9.53 6.29
N ALA D 237 -5.50 -10.41 5.64
CA ALA D 237 -5.67 -11.76 6.13
C ALA D 237 -4.73 -12.62 5.35
N SER D 238 -3.84 -13.30 6.05
CA SER D 238 -2.89 -14.19 5.40
C SER D 238 -3.37 -15.61 5.30
N SER D 239 -4.32 -16.02 6.18
CA SER D 239 -4.81 -17.40 6.14
C SER D 239 -6.24 -17.56 6.56
N ARG D 240 -6.93 -18.40 5.84
CA ARG D 240 -8.33 -18.64 6.12
C ARG D 240 -8.63 -19.20 7.53
N MET D 241 -7.60 -19.73 8.19
CA MET D 241 -7.75 -20.26 9.52
C MET D 241 -8.35 -19.25 10.50
N THR D 242 -8.05 -17.96 10.31
CA THR D 242 -8.54 -16.94 11.22
C THR D 242 -10.05 -16.83 11.26
N PHE D 243 -10.69 -17.00 10.11
CA PHE D 243 -12.15 -16.91 10.07
C PHE D 243 -12.72 -18.16 10.69
N ALA D 244 -12.02 -19.28 10.47
CA ALA D 244 -12.46 -20.57 11.00
C ALA D 244 -12.54 -20.49 12.53
N ASN D 245 -11.41 -20.23 13.20
CA ASN D 245 -11.38 -20.12 14.64
C ASN D 245 -12.40 -19.11 15.06
N GLY D 246 -12.65 -18.14 14.20
CA GLY D 246 -13.62 -17.13 14.54
C GLY D 246 -14.99 -17.71 14.62
N ALA D 247 -15.40 -18.43 13.57
CA ALA D 247 -16.74 -19.02 13.50
C ALA D 247 -16.97 -20.11 14.55
N VAL D 248 -15.94 -20.92 14.83
CA VAL D 248 -16.06 -21.97 15.84
C VAL D 248 -16.38 -21.32 17.19
N ARG D 249 -15.51 -20.40 17.61
CA ARG D 249 -15.67 -19.68 18.86
C ARG D 249 -17.09 -19.13 18.98
N SER D 250 -17.64 -18.75 17.83
CA SER D 250 -18.99 -18.19 17.71
C SER D 250 -20.06 -19.20 18.07
N ALA D 251 -19.96 -20.35 17.42
CA ALA D 251 -20.85 -21.43 17.70
C ALA D 251 -20.77 -21.68 19.23
N LEU D 252 -19.57 -21.76 19.80
CA LEU D 252 -19.47 -22.02 21.25
C LEU D 252 -20.11 -20.95 22.10
N TRP D 253 -20.15 -19.75 21.55
CA TRP D 253 -20.69 -18.60 22.22
C TRP D 253 -22.23 -18.65 22.16
N LEU D 254 -22.75 -18.76 20.93
CA LEU D 254 -24.18 -18.83 20.63
C LEU D 254 -24.86 -19.73 21.66
N SER D 255 -24.21 -20.85 21.93
CA SER D 255 -24.68 -21.88 22.85
C SER D 255 -25.35 -21.30 24.08
N GLY D 256 -26.61 -21.68 24.25
CA GLY D 256 -27.31 -21.18 25.41
C GLY D 256 -28.30 -20.10 25.01
N LYS D 257 -27.81 -19.07 24.32
CA LYS D 257 -28.68 -17.98 23.88
C LYS D 257 -29.97 -18.62 23.35
N GLU D 258 -31.11 -18.30 23.96
CA GLU D 258 -32.36 -18.90 23.49
C GLU D 258 -32.71 -18.38 22.11
N SER D 259 -32.42 -17.11 21.89
CA SER D 259 -32.71 -16.46 20.63
C SER D 259 -31.93 -15.16 20.61
N GLY D 260 -31.55 -14.74 19.40
CA GLY D 260 -30.81 -13.50 19.23
C GLY D 260 -30.15 -13.29 17.87
N LEU D 261 -29.88 -12.03 17.57
CA LEU D 261 -29.20 -11.65 16.34
C LEU D 261 -27.93 -10.93 16.75
N PHE D 262 -26.78 -11.44 16.30
CA PHE D 262 -25.49 -10.84 16.61
C PHE D 262 -24.41 -11.04 15.55
N ASP D 263 -23.31 -10.33 15.79
CA ASP D 263 -22.15 -10.37 14.96
C ASP D 263 -20.92 -10.47 15.86
N MET D 264 -19.79 -10.72 15.19
CA MET D 264 -18.48 -10.91 15.78
C MET D 264 -18.10 -9.87 16.82
N ARG D 265 -18.67 -8.68 16.68
CA ARG D 265 -18.41 -7.60 17.62
C ARG D 265 -19.05 -7.92 18.95
N ASP D 266 -20.22 -8.56 18.87
CA ASP D 266 -20.92 -8.97 20.07
C ASP D 266 -20.11 -10.12 20.61
N VAL D 267 -19.77 -11.06 19.74
CA VAL D 267 -19.00 -12.20 20.19
C VAL D 267 -17.78 -11.70 20.90
N LEU D 268 -16.82 -11.17 20.15
CA LEU D 268 -15.57 -10.66 20.67
C LEU D 268 -15.77 -9.63 21.78
N ASP D 269 -16.99 -9.16 21.97
CA ASP D 269 -17.25 -8.13 23.01
C ASP D 269 -16.37 -6.90 22.74
N LEU D 270 -16.76 -6.14 21.73
CA LEU D 270 -16.02 -4.93 21.31
C LEU D 270 -16.91 -3.68 21.23
N ASN D 271 -18.21 -3.92 21.17
CA ASN D 271 -19.15 -2.86 21.08
C ASN D 271 -18.93 -1.67 21.99
N ASN D 272 -18.07 -1.79 22.99
CA ASN D 272 -17.80 -0.67 23.87
C ASN D 272 -16.31 -0.29 23.93
N LEU D 273 -15.69 -0.30 22.77
CA LEU D 273 -14.28 0.05 22.65
C LEU D 273 -14.12 1.53 22.19
#